data_3EHU
#
_entry.id   3EHU
#
_cell.length_a   49.203
_cell.length_b   63.480
_cell.length_c   85.875
_cell.angle_alpha   99.750
_cell.angle_beta   106.280
_cell.angle_gamma   101.670
#
_symmetry.space_group_name_H-M   'P 1'
#
loop_
_entity.id
_entity.type
_entity.pdbx_description
1 polymer 'FUSION PROTEIN OF CRFR1 EXTRACELLULAR DOMAIN AND MBP'
2 polymer Corticoliberin
3 branched alpha-D-glucopyranose-(1-4)-alpha-D-glucopyranose
4 non-polymer 'CALCIUM ION'
5 non-polymer 2-[BIS-(2-HYDROXY-ETHYL)-AMINO]-2-HYDROXYMETHYL-PROPANE-1,3-DIOL
6 non-polymer DI(HYDROXYETHYL)ETHER
7 water water
#
loop_
_entity_poly.entity_id
_entity_poly.type
_entity_poly.pdbx_seq_one_letter_code
_entity_poly.pdbx_strand_id
1 'polypeptide(L)'
;MAKIEEGKLVIWINGDKGYNGLAEVGKKFEKDTGIKVTVEHPDKLEEKFPQVAATGDGPDIIFWAHDRFGGYAQSGLLAE
ITPDKAFQDKLYPFTWDAVRYNGKLIAYPIAVEALSLIYNKDLLPNPPKTWEEIPALDKELKAKGKSALMFNLQEPYFTW
PLIAADGGYAFKYENGKYDIKDVGVDNAGAKAGLTFLVDLIKNKHMNADTDYSIAEAAFNKGETAMTINGPWAWSNIDTS
KVNYGVTVLPTFKGQPSKPFVGVLSAGINAASPNKELAKEFLENYLLTDEGLEAVNKDKPLGAVALKSYEEELAKDPRIA
ATMENEQKGEIMPNIPQMSAFWYAVRTAVINAASGRQTVDEALKDAQTNAAAEFSLQDQHCESLSLASNISGLQCNASVD
LIGTCWPRSPAGQLVVRPCPAFFYGVRYNTTNNGYRECLANGSWAARVNYSECQEILNEEKKSKVHYHVAHHHHHH
;
A,B
2 'polypeptide(L)' ARAEQLAQQAHSNRKLMEII(NH2) C,D
#
# COMPACT_ATOMS: atom_id res chain seq x y z
N LYS A 3 7.31 -17.41 -22.32
CA LYS A 3 8.04 -18.60 -21.79
C LYS A 3 9.40 -18.77 -22.50
N ILE A 4 10.41 -19.21 -21.76
CA ILE A 4 11.77 -19.41 -22.31
C ILE A 4 11.82 -20.71 -23.13
N GLU A 5 12.41 -20.64 -24.32
CA GLU A 5 12.51 -21.79 -25.24
C GLU A 5 13.46 -22.88 -24.73
N GLU A 6 12.96 -24.11 -24.65
CA GLU A 6 13.78 -25.25 -24.24
C GLU A 6 14.73 -25.63 -25.36
N GLY A 7 15.97 -25.97 -25.00
CA GLY A 7 16.94 -26.52 -25.93
C GLY A 7 17.79 -25.53 -26.71
N LYS A 8 17.87 -24.31 -26.19
CA LYS A 8 18.82 -23.30 -26.65
C LYS A 8 19.24 -22.43 -25.46
N LEU A 9 20.24 -21.58 -25.67
CA LEU A 9 20.68 -20.65 -24.63
C LEU A 9 20.66 -19.22 -25.13
N VAL A 10 19.93 -18.37 -24.41
CA VAL A 10 19.92 -16.96 -24.70
C VAL A 10 20.67 -16.32 -23.53
N ILE A 11 21.66 -15.49 -23.87
CA ILE A 11 22.53 -14.86 -22.89
C ILE A 11 22.42 -13.34 -23.03
N TRP A 12 22.31 -12.63 -21.91
CA TRP A 12 22.31 -11.17 -21.91
C TRP A 12 23.57 -10.70 -21.18
N ILE A 13 24.26 -9.75 -21.80
CA ILE A 13 25.48 -9.17 -21.24
C ILE A 13 25.46 -7.71 -21.67
N ASN A 14 26.04 -6.81 -20.88
CA ASN A 14 26.05 -5.41 -21.27
C ASN A 14 26.89 -5.17 -22.53
N GLY A 15 26.43 -4.24 -23.38
CA GLY A 15 27.05 -3.98 -24.67
C GLY A 15 28.46 -3.40 -24.58
N ASP A 16 28.89 -2.96 -23.41
CA ASP A 16 30.29 -2.51 -23.28
C ASP A 16 31.26 -3.67 -23.00
N LYS A 17 30.74 -4.90 -22.88
CA LYS A 17 31.59 -6.06 -22.59
C LYS A 17 31.89 -6.85 -23.86
N GLY A 18 32.77 -7.84 -23.75
CA GLY A 18 33.29 -8.56 -24.91
C GLY A 18 32.31 -9.61 -25.40
N TYR A 19 31.13 -9.13 -25.81
CA TYR A 19 30.03 -10.01 -26.22
C TYR A 19 30.30 -10.75 -27.52
N ASN A 20 31.14 -10.21 -28.39
CA ASN A 20 31.51 -10.93 -29.63
C ASN A 20 32.40 -12.12 -29.31
N GLY A 21 33.30 -11.90 -28.34
CA GLY A 21 34.18 -12.94 -27.82
C GLY A 21 33.33 -13.99 -27.14
N LEU A 22 32.34 -13.56 -26.36
CA LEU A 22 31.40 -14.49 -25.71
C LEU A 22 30.62 -15.27 -26.76
N ALA A 23 30.20 -14.59 -27.82
CA ALA A 23 29.49 -15.26 -28.93
C ALA A 23 30.35 -16.36 -29.60
N GLU A 24 31.67 -16.17 -29.65
CA GLU A 24 32.56 -17.20 -30.23
C GLU A 24 32.64 -18.41 -29.34
N VAL A 25 32.61 -18.21 -28.02
CA VAL A 25 32.51 -19.33 -27.08
C VAL A 25 31.16 -20.01 -27.31
N GLY A 26 30.09 -19.22 -27.42
CA GLY A 26 28.79 -19.74 -27.83
C GLY A 26 28.78 -20.56 -29.12
N LYS A 27 29.44 -20.09 -30.18
CA LYS A 27 29.57 -20.87 -31.44
C LYS A 27 30.28 -22.22 -31.27
N LYS A 28 31.31 -22.26 -30.44
CA LYS A 28 31.99 -23.55 -30.15
C LYS A 28 31.05 -24.51 -29.39
N PHE A 29 30.34 -23.99 -28.39
CA PHE A 29 29.31 -24.76 -27.68
C PHE A 29 28.28 -25.29 -28.67
N GLU A 30 27.78 -24.44 -29.56
CA GLU A 30 26.88 -24.90 -30.63
C GLU A 30 27.45 -26.04 -31.46
N LYS A 31 28.68 -25.89 -31.97
CA LYS A 31 29.29 -26.94 -32.80
C LYS A 31 29.43 -28.29 -32.08
N ASP A 32 29.71 -28.26 -30.78
CA ASP A 32 29.94 -29.47 -29.95
C ASP A 32 28.66 -30.13 -29.45
N THR A 33 27.58 -29.34 -29.39
CA THR A 33 26.30 -29.81 -28.81
C THR A 33 25.10 -29.73 -29.75
N GLY A 34 25.13 -28.85 -30.74
CA GLY A 34 23.98 -28.64 -31.61
C GLY A 34 22.93 -27.77 -30.93
N ILE A 35 23.34 -27.08 -29.86
CA ILE A 35 22.49 -26.15 -29.11
C ILE A 35 22.82 -24.74 -29.56
N LYS A 36 21.83 -24.02 -30.10
CA LYS A 36 22.06 -22.61 -30.47
C LYS A 36 22.25 -21.73 -29.23
N VAL A 37 23.31 -20.92 -29.23
CA VAL A 37 23.56 -19.94 -28.20
C VAL A 37 23.35 -18.58 -28.88
N THR A 38 22.54 -17.73 -28.29
CA THR A 38 22.34 -16.40 -28.81
C THR A 38 22.77 -15.44 -27.72
N VAL A 39 23.68 -14.53 -28.06
CA VAL A 39 24.14 -13.51 -27.11
C VAL A 39 23.47 -12.20 -27.52
N GLU A 40 22.81 -11.56 -26.56
CA GLU A 40 22.10 -10.31 -26.78
C GLU A 40 22.63 -9.31 -25.76
N HIS A 41 22.49 -8.00 -26.04
CA HIS A 41 23.02 -6.95 -25.14
C HIS A 41 22.10 -5.71 -25.09
N PRO A 42 20.89 -5.89 -24.52
CA PRO A 42 19.96 -4.77 -24.47
C PRO A 42 20.50 -3.66 -23.55
N ASP A 43 20.20 -2.42 -23.91
CA ASP A 43 20.55 -1.27 -23.07
C ASP A 43 19.76 -1.41 -21.78
N LYS A 44 20.36 -0.95 -20.68
CA LYS A 44 19.73 -0.94 -19.38
C LYS A 44 19.34 -2.36 -18.93
N LEU A 45 20.15 -3.37 -19.30
CA LEU A 45 19.79 -4.75 -19.02
C LEU A 45 19.52 -4.99 -17.52
N GLU A 46 20.22 -4.25 -16.67
CA GLU A 46 20.16 -4.49 -15.23
C GLU A 46 18.79 -4.19 -14.62
N GLU A 47 18.06 -3.25 -15.24
CA GLU A 47 16.66 -2.96 -14.95
C GLU A 47 15.67 -3.80 -15.77
N LYS A 48 16.00 -4.06 -17.04
CA LYS A 48 15.13 -4.91 -17.88
C LYS A 48 15.06 -6.34 -17.38
N PHE A 49 16.18 -6.89 -16.90
CA PHE A 49 16.17 -8.31 -16.45
C PHE A 49 15.03 -8.62 -15.44
N PRO A 50 14.97 -7.91 -14.30
CA PRO A 50 13.89 -8.20 -13.35
C PRO A 50 12.49 -7.95 -13.90
N GLN A 51 12.34 -6.96 -14.78
CA GLN A 51 11.04 -6.71 -15.41
C GLN A 51 10.57 -7.93 -16.22
N VAL A 52 11.43 -8.44 -17.09
CA VAL A 52 11.08 -9.57 -17.96
C VAL A 52 11.04 -10.91 -17.21
N ALA A 53 11.98 -11.12 -16.28
CA ALA A 53 12.14 -12.41 -15.61
C ALA A 53 11.02 -12.75 -14.62
N ALA A 54 10.48 -11.72 -13.97
CA ALA A 54 9.38 -11.91 -13.01
C ALA A 54 8.10 -12.44 -13.70
N THR A 55 8.11 -12.43 -15.04
CA THR A 55 7.00 -12.99 -15.81
C THR A 55 7.32 -14.38 -16.35
N GLY A 56 8.53 -14.87 -16.07
CA GLY A 56 8.96 -16.20 -16.51
C GLY A 56 9.59 -16.17 -17.89
N ASP A 57 9.89 -14.95 -18.35
CA ASP A 57 10.50 -14.69 -19.64
C ASP A 57 11.98 -14.28 -19.40
N GLY A 58 12.67 -13.85 -20.46
CA GLY A 58 14.04 -13.33 -20.34
C GLY A 58 15.09 -14.31 -20.82
N PRO A 59 16.37 -14.02 -20.51
CA PRO A 59 17.47 -14.88 -20.96
C PRO A 59 17.63 -16.09 -20.04
N ASP A 60 18.29 -17.13 -20.52
CA ASP A 60 18.74 -18.22 -19.67
C ASP A 60 19.85 -17.77 -18.68
N ILE A 61 20.76 -16.94 -19.17
CA ILE A 61 21.89 -16.47 -18.39
C ILE A 61 21.94 -14.96 -18.45
N ILE A 62 22.18 -14.32 -17.30
CA ILE A 62 22.34 -12.87 -17.24
C ILE A 62 23.71 -12.52 -16.63
N PHE A 63 24.40 -11.60 -17.29
CA PHE A 63 25.71 -11.13 -16.87
C PHE A 63 25.57 -9.71 -16.37
N TRP A 64 25.96 -9.48 -15.12
CA TRP A 64 26.08 -8.11 -14.57
C TRP A 64 27.10 -8.14 -13.44
N ALA A 65 27.56 -6.97 -12.99
CA ALA A 65 28.31 -6.90 -11.74
C ALA A 65 27.46 -7.43 -10.58
N HIS A 66 28.10 -8.07 -9.60
CA HIS A 66 27.42 -8.82 -8.55
C HIS A 66 26.49 -7.96 -7.67
N ASP A 67 26.67 -6.65 -7.68
CA ASP A 67 25.89 -5.78 -6.76
C ASP A 67 24.39 -5.84 -7.02
N ARG A 68 24.00 -6.16 -8.25
CA ARG A 68 22.57 -6.27 -8.61
C ARG A 68 21.93 -7.60 -8.21
N PHE A 69 22.77 -8.60 -7.91
CA PHE A 69 22.33 -10.01 -7.87
C PHE A 69 21.57 -10.38 -6.61
N GLY A 70 21.85 -9.70 -5.50
CA GLY A 70 21.11 -9.91 -4.25
C GLY A 70 19.64 -9.57 -4.41
N GLY A 71 19.35 -8.46 -5.10
CA GLY A 71 17.96 -8.08 -5.38
C GLY A 71 17.27 -9.10 -6.27
N TYR A 72 17.96 -9.54 -7.32
CA TYR A 72 17.43 -10.56 -8.21
C TYR A 72 17.08 -11.86 -7.45
N ALA A 73 17.98 -12.26 -6.54
CA ALA A 73 17.84 -13.51 -5.81
C ALA A 73 16.67 -13.44 -4.83
N GLN A 74 16.51 -12.29 -4.19
CA GLN A 74 15.42 -12.10 -3.25
C GLN A 74 14.05 -12.11 -3.93
N SER A 75 14.03 -11.72 -5.21
CA SER A 75 12.82 -11.79 -6.02
C SER A 75 12.55 -13.17 -6.57
N GLY A 76 13.43 -14.12 -6.24
CA GLY A 76 13.32 -15.47 -6.72
C GLY A 76 13.67 -15.61 -8.19
N LEU A 77 14.47 -14.69 -8.72
CA LEU A 77 14.71 -14.68 -10.16
C LEU A 77 15.89 -15.54 -10.57
N LEU A 78 16.71 -15.91 -9.59
CA LEU A 78 17.93 -16.65 -9.89
C LEU A 78 17.91 -18.06 -9.32
N ALA A 79 18.40 -19.02 -10.10
CA ALA A 79 18.58 -20.39 -9.66
C ALA A 79 19.80 -20.44 -8.75
N GLU A 80 19.77 -21.29 -7.73
CA GLU A 80 20.98 -21.55 -6.94
C GLU A 80 21.96 -22.35 -7.82
N ILE A 81 23.23 -21.99 -7.84
CA ILE A 81 24.17 -22.72 -8.70
C ILE A 81 24.77 -23.91 -7.94
N THR A 82 25.28 -24.90 -8.67
CA THR A 82 25.68 -26.16 -8.03
C THR A 82 27.09 -26.66 -8.39
N PRO A 83 28.11 -25.77 -8.45
CA PRO A 83 29.44 -26.31 -8.81
C PRO A 83 30.01 -27.21 -7.71
N ASP A 84 30.71 -28.28 -8.10
CA ASP A 84 31.36 -29.16 -7.13
C ASP A 84 32.52 -28.43 -6.47
N LYS A 85 33.05 -29.00 -5.38
CA LYS A 85 34.12 -28.35 -4.65
C LYS A 85 35.37 -28.15 -5.51
N ALA A 86 35.64 -29.11 -6.40
CA ALA A 86 36.75 -29.04 -7.33
C ALA A 86 36.63 -27.83 -8.27
N PHE A 87 35.46 -27.62 -8.87
CA PHE A 87 35.27 -26.41 -9.69
C PHE A 87 35.43 -25.13 -8.88
N GLN A 88 34.84 -25.11 -7.69
CA GLN A 88 34.92 -23.95 -6.79
C GLN A 88 36.36 -23.56 -6.49
N ASP A 89 37.21 -24.58 -6.35
CA ASP A 89 38.62 -24.39 -6.06
C ASP A 89 39.40 -23.68 -7.19
N LYS A 90 38.86 -23.70 -8.39
CA LYS A 90 39.52 -23.07 -9.53
C LYS A 90 39.32 -21.56 -9.59
N LEU A 91 38.44 -21.03 -8.75
CA LEU A 91 38.22 -19.58 -8.72
C LEU A 91 38.68 -19.05 -7.37
N TYR A 92 39.06 -17.78 -7.30
CA TYR A 92 39.47 -17.18 -6.03
C TYR A 92 38.32 -17.16 -5.02
N PRO A 93 38.61 -17.54 -3.77
CA PRO A 93 37.64 -17.44 -2.69
C PRO A 93 36.82 -16.15 -2.68
N PHE A 94 37.48 -14.99 -2.75
CA PHE A 94 36.78 -13.71 -2.61
C PHE A 94 35.75 -13.47 -3.73
N THR A 95 35.95 -14.10 -4.89
CA THR A 95 35.00 -13.93 -5.99
C THR A 95 33.72 -14.68 -5.67
N TRP A 96 33.86 -15.88 -5.09
CA TRP A 96 32.71 -16.64 -4.59
C TRP A 96 31.96 -15.91 -3.46
N ASP A 97 32.70 -15.24 -2.59
CA ASP A 97 32.07 -14.47 -1.52
C ASP A 97 31.13 -13.39 -2.09
N ALA A 98 31.46 -12.83 -3.24
CA ALA A 98 30.71 -11.72 -3.82
C ALA A 98 29.37 -12.15 -4.38
N VAL A 99 29.25 -13.44 -4.70
CA VAL A 99 28.04 -14.01 -5.31
C VAL A 99 27.31 -14.94 -4.33
N ARG A 100 27.63 -14.82 -3.04
CA ARG A 100 26.96 -15.57 -1.99
C ARG A 100 25.96 -14.66 -1.32
N TYR A 101 24.71 -15.09 -1.30
CA TYR A 101 23.64 -14.30 -0.73
C TYR A 101 22.76 -15.20 0.10
N ASN A 102 22.65 -14.89 1.39
CA ASN A 102 21.86 -15.68 2.36
C ASN A 102 22.20 -17.18 2.34
N GLY A 103 23.50 -17.45 2.26
CA GLY A 103 24.03 -18.80 2.37
C GLY A 103 24.35 -19.46 1.05
N LYS A 104 23.68 -19.01 -0.02
CA LYS A 104 23.68 -19.71 -1.30
C LYS A 104 24.49 -19.01 -2.38
N LEU A 105 25.14 -19.79 -3.22
CA LEU A 105 25.76 -19.23 -4.41
C LEU A 105 24.68 -18.95 -5.45
N ILE A 106 24.64 -17.72 -5.96
CA ILE A 106 23.57 -17.30 -6.86
C ILE A 106 24.04 -16.91 -8.27
N ALA A 107 25.35 -17.00 -8.51
CA ALA A 107 25.98 -16.68 -9.80
C ALA A 107 27.38 -17.26 -9.87
N TYR A 108 27.90 -17.39 -11.09
CA TYR A 108 29.33 -17.68 -11.30
C TYR A 108 30.10 -16.38 -11.50
N PRO A 109 31.17 -16.17 -10.73
CA PRO A 109 32.05 -15.01 -10.91
C PRO A 109 32.88 -15.17 -12.18
N ILE A 110 33.03 -14.08 -12.91
CA ILE A 110 33.78 -14.11 -14.16
C ILE A 110 35.00 -13.22 -14.09
N ALA A 111 34.81 -11.93 -13.83
CA ALA A 111 35.93 -10.98 -13.89
C ALA A 111 35.84 -9.94 -12.78
N VAL A 112 36.97 -9.40 -12.36
CA VAL A 112 36.95 -8.42 -11.29
C VAL A 112 37.21 -7.07 -11.95
N GLU A 113 36.24 -6.17 -11.83
CA GLU A 113 36.25 -4.90 -12.57
C GLU A 113 36.53 -3.71 -11.65
N ALA A 114 37.57 -2.95 -11.98
CA ALA A 114 37.90 -1.75 -11.23
C ALA A 114 38.17 -0.56 -12.17
N LEU A 115 37.60 0.61 -11.84
CA LEU A 115 37.91 1.82 -12.61
C LEU A 115 39.34 2.25 -12.38
N SER A 116 39.96 2.81 -13.41
CA SER A 116 41.30 3.38 -13.32
C SER A 116 41.36 4.73 -14.03
N LEU A 117 42.45 5.46 -13.78
CA LEU A 117 42.77 6.64 -14.57
C LEU A 117 43.42 6.20 -15.87
N ILE A 118 42.78 6.54 -16.99
CA ILE A 118 43.33 6.32 -18.32
C ILE A 118 43.82 7.68 -18.82
N TYR A 119 45.07 7.74 -19.28
CA TYR A 119 45.66 9.01 -19.70
C TYR A 119 46.43 8.94 -21.02
N ASN A 120 46.49 10.07 -21.71
CA ASN A 120 47.15 10.21 -22.99
C ASN A 120 48.61 10.60 -22.72
N LYS A 121 49.54 9.70 -23.02
CA LYS A 121 50.97 9.91 -22.69
C LYS A 121 51.61 11.07 -23.44
N ASP A 122 51.07 11.37 -24.62
CA ASP A 122 51.58 12.47 -25.44
C ASP A 122 51.21 13.85 -24.89
N LEU A 123 50.01 13.96 -24.33
CA LEU A 123 49.56 15.21 -23.71
C LEU A 123 50.01 15.35 -22.26
N LEU A 124 50.23 14.21 -21.61
CA LEU A 124 50.45 14.17 -20.18
C LEU A 124 51.39 13.01 -19.85
N PRO A 125 52.71 13.23 -20.04
CA PRO A 125 53.70 12.16 -19.82
C PRO A 125 53.73 11.65 -18.38
N ASN A 126 53.47 12.54 -17.42
CA ASN A 126 53.28 12.13 -16.02
C ASN A 126 51.90 12.54 -15.51
N PRO A 127 51.02 11.56 -15.25
CA PRO A 127 49.66 11.84 -14.78
C PRO A 127 49.65 12.37 -13.34
N PRO A 128 48.68 13.24 -13.02
CA PRO A 128 48.61 13.84 -11.68
C PRO A 128 48.38 12.77 -10.60
N LYS A 129 49.02 12.96 -9.45
CA LYS A 129 48.84 12.06 -8.31
C LYS A 129 47.67 12.52 -7.42
N THR A 130 47.23 13.76 -7.60
CA THR A 130 46.12 14.32 -6.80
C THR A 130 45.03 14.94 -7.69
N TRP A 131 43.78 14.84 -7.24
CA TRP A 131 42.68 15.58 -7.85
C TRP A 131 42.90 17.09 -7.82
N GLU A 132 43.52 17.56 -6.75
CA GLU A 132 43.74 18.98 -6.51
C GLU A 132 44.56 19.70 -7.60
N GLU A 133 45.41 18.97 -8.32
CA GLU A 133 46.23 19.59 -9.36
C GLU A 133 45.55 19.62 -10.74
N ILE A 134 44.36 19.03 -10.84
CA ILE A 134 43.65 18.97 -12.12
C ILE A 134 43.16 20.34 -12.65
N PRO A 135 42.65 21.24 -11.78
CA PRO A 135 42.26 22.58 -12.26
C PRO A 135 43.40 23.37 -12.94
N ALA A 136 44.58 23.42 -12.31
CA ALA A 136 45.76 24.03 -12.92
C ALA A 136 46.18 23.36 -14.25
N LEU A 137 46.17 22.03 -14.26
CA LEU A 137 46.50 21.26 -15.46
C LEU A 137 45.55 21.56 -16.61
N ASP A 138 44.26 21.67 -16.29
CA ASP A 138 43.25 22.01 -17.28
C ASP A 138 43.50 23.40 -17.89
N LYS A 139 43.93 24.33 -17.04
CA LYS A 139 44.27 25.67 -17.48
C LYS A 139 45.38 25.65 -18.53
N GLU A 140 46.45 24.90 -18.25
CA GLU A 140 47.55 24.76 -19.20
C GLU A 140 47.08 24.11 -20.51
N LEU A 141 46.29 23.05 -20.39
CA LEU A 141 45.78 22.32 -21.56
C LEU A 141 44.80 23.14 -22.41
N LYS A 142 43.97 23.98 -21.77
CA LYS A 142 43.02 24.85 -22.48
C LYS A 142 43.74 25.85 -23.40
N ALA A 143 44.90 26.36 -22.98
CA ALA A 143 45.72 27.26 -23.81
C ALA A 143 46.19 26.60 -25.11
N LYS A 144 46.15 25.27 -25.14
CA LYS A 144 46.45 24.46 -26.32
C LYS A 144 45.22 23.82 -26.96
N GLY A 145 44.04 24.22 -26.48
CA GLY A 145 42.78 23.76 -27.07
C GLY A 145 42.54 22.31 -26.70
N LYS A 146 42.97 21.92 -25.51
CA LYS A 146 42.73 20.57 -25.00
C LYS A 146 42.08 20.69 -23.63
N SER A 147 41.75 19.57 -23.01
CA SER A 147 41.23 19.63 -21.65
C SER A 147 41.91 18.55 -20.83
N ALA A 148 41.93 18.72 -19.52
CA ALA A 148 42.60 17.76 -18.63
C ALA A 148 41.84 16.44 -18.51
N LEU A 149 40.53 16.52 -18.33
CA LEU A 149 39.75 15.37 -17.87
C LEU A 149 38.28 15.38 -18.31
N MET A 150 37.86 14.27 -18.91
CA MET A 150 36.44 14.06 -19.21
C MET A 150 36.08 12.62 -18.87
N PHE A 151 35.01 12.45 -18.11
CA PHE A 151 34.47 11.13 -17.80
C PHE A 151 32.96 11.19 -17.63
N ASN A 152 32.34 10.02 -17.65
CA ASN A 152 30.88 9.92 -17.53
C ASN A 152 30.31 10.43 -16.19
N LEU A 153 29.71 11.62 -16.21
CA LEU A 153 29.04 12.18 -15.02
C LEU A 153 27.61 11.70 -14.83
N GLN A 154 27.07 10.98 -15.80
CA GLN A 154 25.68 10.57 -15.71
C GLN A 154 25.47 9.27 -14.92
N GLU A 155 26.55 8.51 -14.75
CA GLU A 155 26.47 7.25 -13.98
C GLU A 155 27.30 7.42 -12.74
N PRO A 156 26.67 7.24 -11.55
CA PRO A 156 27.39 7.46 -10.28
C PRO A 156 28.58 6.52 -10.05
N TYR A 157 28.68 5.45 -10.81
CA TYR A 157 29.81 4.51 -10.67
C TYR A 157 31.15 5.24 -10.86
N PHE A 158 31.15 6.23 -11.73
CA PHE A 158 32.38 6.94 -12.11
C PHE A 158 32.79 8.08 -11.16
N THR A 159 31.82 8.66 -10.46
CA THR A 159 32.12 9.74 -9.50
C THR A 159 32.27 9.23 -8.07
N TRP A 160 31.74 8.04 -7.81
CA TRP A 160 31.84 7.44 -6.48
C TRP A 160 33.27 7.40 -5.95
N PRO A 161 34.26 7.01 -6.79
CA PRO A 161 35.63 6.96 -6.25
C PRO A 161 36.08 8.24 -5.53
N LEU A 162 35.69 9.40 -6.06
CA LEU A 162 36.01 10.68 -5.45
C LEU A 162 35.13 10.97 -4.26
N ILE A 163 33.84 10.64 -4.37
CA ILE A 163 32.93 10.82 -3.22
C ILE A 163 33.38 9.99 -2.02
N ALA A 164 33.81 8.76 -2.26
CA ALA A 164 34.26 7.85 -1.20
C ALA A 164 35.66 8.16 -0.62
N ALA A 165 36.50 8.88 -1.38
CA ALA A 165 37.92 9.03 -1.04
C ALA A 165 38.15 9.54 0.38
N ASP A 166 37.51 10.65 0.74
CA ASP A 166 37.67 11.30 2.06
C ASP A 166 36.65 10.85 3.11
N GLY A 167 35.88 9.80 2.83
CA GLY A 167 35.06 9.23 3.90
C GLY A 167 33.65 8.78 3.57
N GLY A 168 33.17 9.09 2.36
CA GLY A 168 31.85 8.62 1.93
C GLY A 168 31.81 7.10 1.94
N TYR A 169 30.66 6.53 2.24
CA TYR A 169 30.48 5.08 2.12
C TYR A 169 29.01 4.75 1.80
N ALA A 170 28.75 3.54 1.34
CA ALA A 170 27.39 3.16 1.02
C ALA A 170 26.71 2.68 2.30
N PHE A 171 27.00 1.45 2.70
CA PHE A 171 26.47 0.93 3.96
C PHE A 171 27.62 0.46 4.85
N LYS A 172 27.52 0.71 6.13
CA LYS A 172 28.61 0.39 7.04
C LYS A 172 28.55 -1.09 7.40
N TYR A 173 29.71 -1.75 7.39
CA TYR A 173 29.78 -3.15 7.79
C TYR A 173 29.87 -3.21 9.30
N GLU A 174 28.75 -3.59 9.93
CA GLU A 174 28.60 -3.60 11.40
C GLU A 174 28.07 -4.95 11.87
N ASN A 175 28.66 -5.47 12.93
CA ASN A 175 28.29 -6.79 13.46
C ASN A 175 28.16 -7.89 12.40
N GLY A 176 29.18 -8.01 11.55
CA GLY A 176 29.27 -9.06 10.55
C GLY A 176 28.27 -8.94 9.40
N LYS A 177 27.68 -7.77 9.23
CA LYS A 177 26.72 -7.50 8.16
C LYS A 177 26.56 -6.01 7.86
N TYR A 178 26.18 -5.71 6.63
CA TYR A 178 25.90 -4.33 6.23
C TYR A 178 24.69 -3.77 6.95
N ASP A 179 24.90 -2.65 7.63
CA ASP A 179 23.87 -1.93 8.35
C ASP A 179 23.11 -1.03 7.39
N ILE A 180 21.92 -1.45 6.98
CA ILE A 180 21.12 -0.71 5.99
C ILE A 180 20.58 0.63 6.51
N LYS A 181 20.68 0.84 7.82
CA LYS A 181 20.32 2.13 8.43
C LYS A 181 21.51 3.09 8.49
N ASP A 182 22.71 2.55 8.40
CA ASP A 182 23.92 3.37 8.49
C ASP A 182 24.46 3.67 7.09
N VAL A 183 23.98 4.78 6.54
CA VAL A 183 24.34 5.23 5.19
C VAL A 183 25.35 6.39 5.24
N GLY A 184 26.35 6.35 4.36
CA GLY A 184 27.42 7.36 4.41
C GLY A 184 27.54 8.28 3.21
N VAL A 185 26.43 8.57 2.54
CA VAL A 185 26.44 9.41 1.33
C VAL A 185 26.33 10.89 1.67
N ASP A 186 26.15 11.20 2.95
CA ASP A 186 25.91 12.58 3.38
C ASP A 186 26.79 13.00 4.57
N ASN A 187 27.99 12.44 4.64
CA ASN A 187 28.92 12.84 5.71
C ASN A 187 29.92 13.85 5.12
N ALA A 188 30.82 14.36 5.96
CA ALA A 188 31.82 15.35 5.56
C ALA A 188 32.60 14.94 4.31
N GLY A 189 33.12 13.71 4.29
CA GLY A 189 33.92 13.22 3.17
C GLY A 189 33.16 13.11 1.86
N ALA A 190 31.89 12.72 1.95
CA ALA A 190 31.04 12.67 0.75
C ALA A 190 30.78 14.09 0.25
N LYS A 191 30.48 14.99 1.18
CA LYS A 191 30.26 16.40 0.90
C LYS A 191 31.48 17.05 0.26
N ALA A 192 32.65 16.77 0.80
CA ALA A 192 33.91 17.33 0.29
C ALA A 192 34.17 16.83 -1.15
N GLY A 193 34.03 15.53 -1.38
CA GLY A 193 34.25 14.95 -2.71
C GLY A 193 33.33 15.55 -3.76
N LEU A 194 32.04 15.66 -3.43
CA LEU A 194 31.06 16.18 -4.38
C LEU A 194 31.20 17.69 -4.60
N THR A 195 31.57 18.40 -3.54
CA THR A 195 31.85 19.82 -3.63
C THR A 195 33.01 20.06 -4.61
N PHE A 196 34.05 19.23 -4.54
CA PHE A 196 35.14 19.32 -5.48
C PHE A 196 34.69 19.17 -6.92
N LEU A 197 33.83 18.18 -7.17
CA LEU A 197 33.33 17.90 -8.51
C LEU A 197 32.52 19.07 -9.06
N VAL A 198 31.64 19.60 -8.23
CA VAL A 198 30.80 20.74 -8.60
C VAL A 198 31.68 21.97 -8.93
N ASP A 199 32.71 22.17 -8.11
CA ASP A 199 33.68 23.26 -8.32
C ASP A 199 34.44 23.12 -9.64
N LEU A 200 34.89 21.91 -9.98
CA LEU A 200 35.46 21.63 -11.31
C LEU A 200 34.54 22.09 -12.45
N ILE A 201 33.24 21.88 -12.25
CA ILE A 201 32.23 22.26 -13.24
C ILE A 201 31.95 23.78 -13.23
N LYS A 202 31.78 24.34 -12.04
CA LYS A 202 31.56 25.77 -11.87
C LYS A 202 32.67 26.56 -12.55
N ASN A 203 33.90 26.05 -12.43
CA ASN A 203 35.07 26.70 -13.02
C ASN A 203 35.39 26.24 -14.44
N LYS A 204 34.43 25.60 -15.09
CA LYS A 204 34.54 25.16 -16.51
C LYS A 204 35.73 24.24 -16.83
N HIS A 205 36.09 23.37 -15.89
CA HIS A 205 37.09 22.34 -16.14
C HIS A 205 36.40 21.06 -16.59
N MET A 206 35.10 20.97 -16.32
CA MET A 206 34.26 19.88 -16.79
C MET A 206 32.85 20.38 -17.09
N ASN A 207 32.13 19.62 -17.90
CA ASN A 207 30.76 19.95 -18.27
C ASN A 207 29.83 18.95 -17.59
N ALA A 208 28.81 19.46 -16.91
CA ALA A 208 27.79 18.63 -16.25
C ALA A 208 27.11 17.63 -17.16
N ASP A 209 27.01 17.95 -18.45
CA ASP A 209 26.28 17.08 -19.38
C ASP A 209 27.12 15.94 -20.00
N THR A 210 28.39 15.85 -19.62
CA THR A 210 29.28 14.79 -20.15
C THR A 210 28.73 13.40 -19.80
N ASP A 211 28.49 12.58 -20.82
CA ASP A 211 28.01 11.22 -20.67
C ASP A 211 29.10 10.25 -21.14
N TYR A 212 28.74 8.98 -21.32
CA TYR A 212 29.71 7.95 -21.69
C TYR A 212 30.41 8.25 -23.03
N SER A 213 29.61 8.75 -23.95
CA SER A 213 29.98 8.82 -25.33
C SER A 213 30.80 10.08 -25.62
N ILE A 214 30.43 11.20 -25.01
CA ILE A 214 31.23 12.43 -25.11
C ILE A 214 32.63 12.16 -24.55
N ALA A 215 32.71 11.55 -23.37
CA ALA A 215 33.99 11.25 -22.75
C ALA A 215 34.85 10.27 -23.60
N GLU A 216 34.29 9.13 -23.99
CA GLU A 216 35.03 8.15 -24.81
C GLU A 216 35.54 8.73 -26.13
N ALA A 217 34.68 9.46 -26.82
CA ALA A 217 35.06 10.10 -28.07
C ALA A 217 36.13 11.18 -27.86
N ALA A 218 35.95 11.99 -26.82
CA ALA A 218 36.90 13.04 -26.49
C ALA A 218 38.29 12.44 -26.22
N PHE A 219 38.35 11.39 -25.41
CA PHE A 219 39.63 10.76 -25.12
C PHE A 219 40.25 10.17 -26.39
N ASN A 220 39.43 9.46 -27.16
CA ASN A 220 39.94 8.74 -28.30
C ASN A 220 40.28 9.58 -29.53
N LYS A 221 39.72 10.79 -29.62
CA LYS A 221 40.15 11.76 -30.63
C LYS A 221 41.36 12.61 -30.20
N GLY A 222 41.88 12.38 -29.00
CA GLY A 222 43.04 13.13 -28.53
C GLY A 222 42.74 14.51 -27.99
N GLU A 223 41.50 14.74 -27.56
CA GLU A 223 41.04 16.06 -27.11
C GLU A 223 41.17 16.26 -25.61
N THR A 224 41.14 15.18 -24.85
CA THR A 224 41.26 15.27 -23.40
C THR A 224 42.38 14.35 -22.95
N ALA A 225 43.11 14.79 -21.92
CA ALA A 225 44.34 14.11 -21.52
C ALA A 225 44.08 12.90 -20.63
N MET A 226 42.89 12.86 -20.05
CA MET A 226 42.50 11.85 -19.06
C MET A 226 41.03 11.47 -19.13
N THR A 227 40.75 10.23 -18.80
CA THR A 227 39.40 9.75 -18.57
C THR A 227 39.42 8.72 -17.44
N ILE A 228 38.23 8.32 -17.02
CA ILE A 228 38.09 7.32 -15.98
C ILE A 228 37.21 6.22 -16.55
N ASN A 229 37.72 4.99 -16.54
CA ASN A 229 36.94 3.90 -17.07
C ASN A 229 37.53 2.54 -16.68
N GLY A 230 36.84 1.46 -17.04
CA GLY A 230 37.28 0.10 -16.71
C GLY A 230 38.05 -0.52 -17.86
N PRO A 231 38.55 -1.77 -17.69
CA PRO A 231 39.35 -2.45 -18.69
C PRO A 231 38.63 -2.69 -20.01
N TRP A 232 37.32 -2.83 -19.98
CA TRP A 232 36.53 -3.04 -21.22
C TRP A 232 36.75 -1.91 -22.23
N ALA A 233 37.11 -0.73 -21.74
CA ALA A 233 37.29 0.46 -22.57
C ALA A 233 38.62 0.48 -23.31
N TRP A 234 39.59 -0.30 -22.83
CA TRP A 234 40.94 -0.26 -23.41
C TRP A 234 40.98 -0.62 -24.87
N SER A 235 40.14 -1.59 -25.25
CA SER A 235 40.07 -2.11 -26.62
C SER A 235 39.76 -0.98 -27.61
N ASN A 236 38.77 -0.15 -27.27
CA ASN A 236 38.46 1.01 -28.11
C ASN A 236 39.62 2.02 -28.23
N ILE A 237 40.32 2.30 -27.12
CA ILE A 237 41.54 3.12 -27.20
C ILE A 237 42.66 2.49 -28.05
N ASP A 238 42.89 1.18 -27.90
CA ASP A 238 43.88 0.44 -28.69
C ASP A 238 43.76 0.83 -30.17
N THR A 239 42.52 0.77 -30.63
CA THR A 239 42.11 1.05 -32.00
C THR A 239 42.43 2.48 -32.43
N SER A 240 42.22 3.41 -31.50
CA SER A 240 42.30 4.85 -31.78
C SER A 240 43.72 5.31 -32.06
N LYS A 241 44.69 4.60 -31.48
CA LYS A 241 46.11 4.94 -31.63
C LYS A 241 46.47 6.33 -31.05
N VAL A 242 45.75 6.67 -29.99
CA VAL A 242 46.21 7.60 -28.96
C VAL A 242 47.22 6.76 -28.18
N ASN A 243 48.36 7.34 -27.82
CA ASN A 243 49.28 6.62 -26.94
C ASN A 243 48.88 6.73 -25.46
N TYR A 244 48.24 5.69 -24.95
CA TYR A 244 47.62 5.73 -23.61
C TYR A 244 48.34 4.93 -22.52
N GLY A 245 48.21 5.41 -21.28
CA GLY A 245 48.64 4.69 -20.10
C GLY A 245 47.49 4.49 -19.14
N VAL A 246 47.63 3.54 -18.21
CA VAL A 246 46.61 3.27 -17.23
C VAL A 246 47.25 3.29 -15.87
N THR A 247 46.61 3.97 -14.92
CA THR A 247 47.19 4.10 -13.60
C THR A 247 46.11 4.27 -12.55
N VAL A 248 46.54 4.34 -11.30
CA VAL A 248 45.62 4.45 -10.19
C VAL A 248 44.91 5.82 -10.24
N LEU A 249 43.68 5.87 -9.76
CA LEU A 249 42.99 7.15 -9.61
C LEU A 249 43.75 8.04 -8.64
N PRO A 250 43.70 9.37 -8.84
CA PRO A 250 44.46 10.22 -7.94
C PRO A 250 43.84 10.35 -6.54
N THR A 251 44.63 10.90 -5.61
CA THR A 251 44.21 11.11 -4.23
C THR A 251 43.40 12.41 -4.07
N PHE A 252 42.51 12.42 -3.07
CA PHE A 252 41.78 13.61 -2.70
C PHE A 252 42.00 13.87 -1.21
N LYS A 253 42.39 15.10 -0.87
CA LYS A 253 42.84 15.43 0.49
C LYS A 253 43.83 14.39 1.02
N GLY A 254 44.72 13.90 0.15
CA GLY A 254 45.77 12.93 0.52
C GLY A 254 45.30 11.50 0.72
N GLN A 255 44.04 11.24 0.44
CA GLN A 255 43.45 9.93 0.63
C GLN A 255 43.21 9.29 -0.74
N PRO A 256 43.59 8.02 -0.90
CA PRO A 256 43.36 7.33 -2.16
C PRO A 256 41.89 7.39 -2.59
N SER A 257 41.67 7.53 -3.90
CA SER A 257 40.36 7.30 -4.47
C SER A 257 39.94 5.86 -4.12
N LYS A 258 38.62 5.66 -4.06
CA LYS A 258 38.07 4.43 -3.52
C LYS A 258 36.97 3.91 -4.44
N PRO A 259 37.36 3.34 -5.59
CA PRO A 259 36.31 2.88 -6.50
C PRO A 259 35.64 1.64 -5.90
N PHE A 260 34.33 1.54 -6.14
CA PHE A 260 33.56 0.36 -5.79
C PHE A 260 33.89 -0.72 -6.80
N VAL A 261 34.38 -1.86 -6.33
CA VAL A 261 34.77 -2.96 -7.22
C VAL A 261 33.62 -3.94 -7.52
N GLY A 262 33.47 -4.29 -8.80
CA GLY A 262 32.42 -5.19 -9.22
C GLY A 262 33.03 -6.52 -9.62
N VAL A 263 32.29 -7.60 -9.36
CA VAL A 263 32.64 -8.88 -9.93
C VAL A 263 31.61 -9.17 -10.98
N LEU A 264 32.01 -9.09 -12.25
CA LEU A 264 31.11 -9.47 -13.30
C LEU A 264 30.75 -10.94 -13.08
N SER A 265 29.46 -11.24 -13.08
CA SER A 265 29.02 -12.58 -12.68
C SER A 265 27.92 -13.05 -13.61
N ALA A 266 27.73 -14.37 -13.66
CA ALA A 266 26.77 -14.92 -14.60
C ALA A 266 25.73 -15.69 -13.80
N GLY A 267 24.49 -15.19 -13.81
CA GLY A 267 23.39 -15.83 -13.09
C GLY A 267 22.52 -16.62 -14.05
N ILE A 268 21.85 -17.65 -13.52
CA ILE A 268 20.97 -18.49 -14.30
C ILE A 268 19.53 -18.14 -13.91
N ASN A 269 18.70 -17.86 -14.92
CA ASN A 269 17.30 -17.45 -14.70
C ASN A 269 16.53 -18.62 -14.05
N ALA A 270 15.88 -18.36 -12.92
CA ALA A 270 15.12 -19.40 -12.21
C ALA A 270 14.02 -20.05 -13.08
N ALA A 271 13.50 -19.31 -14.05
CA ALA A 271 12.47 -19.86 -14.97
C ALA A 271 13.01 -20.53 -16.23
N SER A 272 14.34 -20.64 -16.35
CA SER A 272 14.93 -21.39 -17.48
C SER A 272 14.70 -22.92 -17.41
N PRO A 273 14.24 -23.55 -18.52
CA PRO A 273 14.23 -25.01 -18.64
C PRO A 273 15.56 -25.57 -19.17
N ASN A 274 16.60 -24.73 -19.12
CA ASN A 274 17.90 -25.02 -19.69
C ASN A 274 19.02 -24.91 -18.66
N LYS A 275 18.70 -25.11 -17.38
CA LYS A 275 19.70 -24.91 -16.32
C LYS A 275 20.96 -25.80 -16.43
N GLU A 276 20.81 -27.04 -16.88
CA GLU A 276 22.00 -27.92 -16.94
C GLU A 276 22.90 -27.55 -18.12
N LEU A 277 22.27 -27.13 -19.22
CA LEU A 277 22.96 -26.54 -20.36
C LEU A 277 23.76 -25.28 -20.02
N ALA A 278 23.13 -24.40 -19.22
CA ALA A 278 23.74 -23.14 -18.78
C ALA A 278 24.94 -23.39 -17.88
N LYS A 279 24.80 -24.35 -16.97
CA LYS A 279 25.89 -24.79 -16.09
C LYS A 279 27.04 -25.35 -16.93
N GLU A 280 26.71 -26.17 -17.93
CA GLU A 280 27.72 -26.76 -18.75
C GLU A 280 28.48 -25.69 -19.54
N PHE A 281 27.74 -24.75 -20.11
CA PHE A 281 28.33 -23.66 -20.87
C PHE A 281 29.27 -22.83 -19.99
N LEU A 282 28.76 -22.38 -18.86
CA LEU A 282 29.56 -21.59 -17.92
C LEU A 282 30.79 -22.28 -17.33
N GLU A 283 30.60 -23.48 -16.79
CA GLU A 283 31.70 -24.19 -16.15
C GLU A 283 32.73 -24.79 -17.11
N ASN A 284 32.25 -25.38 -18.22
CA ASN A 284 33.15 -26.15 -19.10
C ASN A 284 33.60 -25.45 -20.38
N TYR A 285 32.93 -24.34 -20.74
CA TYR A 285 33.31 -23.58 -21.94
C TYR A 285 33.82 -22.16 -21.60
N LEU A 286 33.00 -21.35 -20.93
CA LEU A 286 33.40 -20.00 -20.58
C LEU A 286 34.50 -19.97 -19.54
N LEU A 287 34.33 -20.66 -18.42
CA LEU A 287 35.32 -20.58 -17.32
C LEU A 287 36.51 -21.50 -17.52
N THR A 288 37.14 -21.33 -18.68
CA THR A 288 38.36 -22.03 -19.02
C THR A 288 39.33 -20.97 -19.52
N ASP A 289 40.61 -21.32 -19.56
CA ASP A 289 41.59 -20.41 -20.14
C ASP A 289 41.17 -19.95 -21.55
N GLU A 290 40.70 -20.89 -22.37
CA GLU A 290 40.40 -20.62 -23.77
C GLU A 290 39.18 -19.73 -23.95
N GLY A 291 38.18 -19.92 -23.08
CA GLY A 291 36.94 -19.17 -23.13
C GLY A 291 37.12 -17.74 -22.67
N LEU A 292 37.78 -17.58 -21.53
CA LEU A 292 38.09 -16.27 -21.02
C LEU A 292 39.02 -15.49 -21.96
N GLU A 293 39.98 -16.18 -22.59
CA GLU A 293 40.85 -15.55 -23.59
C GLU A 293 40.04 -15.01 -24.77
N ALA A 294 39.03 -15.77 -25.20
CA ALA A 294 38.16 -15.37 -26.32
C ALA A 294 37.40 -14.07 -26.02
N VAL A 295 36.90 -13.98 -24.80
CA VAL A 295 36.22 -12.78 -24.33
C VAL A 295 37.22 -11.62 -24.19
N ASN A 296 38.37 -11.90 -23.55
CA ASN A 296 39.36 -10.88 -23.23
C ASN A 296 39.91 -10.24 -24.49
N LYS A 297 40.05 -11.04 -25.55
CA LYS A 297 40.52 -10.57 -26.84
C LYS A 297 39.55 -9.57 -27.49
N ASP A 298 38.25 -9.72 -27.22
CA ASP A 298 37.27 -8.78 -27.74
C ASP A 298 37.38 -7.48 -26.95
N LYS A 299 37.03 -7.54 -25.67
CA LYS A 299 37.18 -6.42 -24.77
C LYS A 299 37.78 -6.93 -23.47
N PRO A 300 38.89 -6.32 -23.01
CA PRO A 300 39.60 -6.79 -21.83
C PRO A 300 38.74 -6.92 -20.59
N LEU A 301 38.96 -8.00 -19.86
CA LEU A 301 38.22 -8.28 -18.65
C LEU A 301 38.91 -7.66 -17.43
N GLY A 302 40.17 -7.28 -17.59
CA GLY A 302 41.01 -6.78 -16.49
C GLY A 302 41.68 -7.82 -15.59
N ALA A 303 40.94 -8.27 -14.59
CA ALA A 303 41.38 -9.33 -13.72
C ALA A 303 40.24 -10.31 -13.79
N VAL A 304 40.55 -11.60 -13.62
CA VAL A 304 39.52 -12.64 -13.72
C VAL A 304 39.42 -13.53 -12.48
N ALA A 305 38.26 -14.16 -12.31
CA ALA A 305 38.01 -15.04 -11.17
C ALA A 305 38.77 -16.37 -11.25
N LEU A 306 39.01 -16.85 -12.47
CA LEU A 306 39.69 -18.13 -12.73
C LEU A 306 41.20 -18.07 -12.52
N LYS A 307 41.69 -18.82 -11.51
CA LYS A 307 43.10 -18.78 -11.09
C LYS A 307 44.06 -19.01 -12.25
N SER A 308 43.87 -20.09 -13.01
CA SER A 308 44.83 -20.45 -14.07
C SER A 308 44.99 -19.30 -15.10
N TYR A 309 43.90 -18.61 -15.45
CA TYR A 309 43.99 -17.53 -16.45
C TYR A 309 44.47 -16.19 -15.86
N GLU A 310 44.08 -15.89 -14.62
CA GLU A 310 44.58 -14.71 -13.91
C GLU A 310 46.12 -14.72 -13.77
N GLU A 311 46.70 -15.90 -13.66
CA GLU A 311 48.17 -16.01 -13.58
C GLU A 311 48.86 -15.50 -14.86
N GLU A 312 48.25 -15.74 -16.01
CA GLU A 312 48.72 -15.18 -17.28
C GLU A 312 48.50 -13.65 -17.34
N LEU A 313 47.29 -13.22 -17.01
CA LEU A 313 46.89 -11.81 -17.08
C LEU A 313 47.65 -10.85 -16.16
N ALA A 314 48.05 -11.34 -14.98
CA ALA A 314 48.70 -10.52 -13.96
C ALA A 314 50.02 -9.87 -14.42
N LYS A 315 50.55 -10.37 -15.55
CA LYS A 315 51.77 -9.86 -16.16
C LYS A 315 51.52 -8.56 -16.93
N ASP A 316 50.25 -8.31 -17.28
CA ASP A 316 49.84 -7.09 -17.99
C ASP A 316 50.03 -5.89 -17.05
N PRO A 317 50.87 -4.90 -17.46
CA PRO A 317 51.14 -3.72 -16.64
C PRO A 317 49.87 -2.91 -16.37
N ARG A 318 49.04 -2.72 -17.39
CA ARG A 318 47.74 -2.05 -17.26
C ARG A 318 46.87 -2.75 -16.20
N ILE A 319 46.97 -4.07 -16.18
CA ILE A 319 46.25 -4.92 -15.23
C ILE A 319 46.99 -4.95 -13.89
N GLY A 329 39.82 0.98 -2.56
CA GLY A 329 38.88 0.33 -3.50
C GLY A 329 38.24 -0.91 -2.88
N GLU A 330 36.91 -0.91 -2.76
CA GLU A 330 36.21 -1.95 -2.00
C GLU A 330 35.28 -2.78 -2.89
N ILE A 331 35.22 -4.09 -2.64
CA ILE A 331 34.18 -4.92 -3.26
C ILE A 331 32.79 -4.42 -2.82
N MET A 332 31.91 -4.17 -3.79
CA MET A 332 30.53 -3.74 -3.50
C MET A 332 29.77 -4.79 -2.69
N PRO A 333 28.82 -4.36 -1.82
CA PRO A 333 27.86 -5.31 -1.25
C PRO A 333 26.98 -5.88 -2.38
N ASN A 334 26.34 -7.02 -2.14
CA ASN A 334 25.37 -7.50 -3.13
C ASN A 334 23.91 -7.34 -2.66
N ILE A 335 23.74 -6.66 -1.54
CA ILE A 335 22.44 -6.56 -0.89
C ILE A 335 21.36 -5.89 -1.79
N PRO A 336 20.08 -6.24 -1.58
CA PRO A 336 18.96 -5.70 -2.37
C PRO A 336 18.84 -4.17 -2.35
N GLN A 337 19.36 -3.54 -1.28
CA GLN A 337 19.33 -2.08 -1.14
C GLN A 337 20.36 -1.35 -2.03
N MET A 338 21.24 -2.08 -2.71
CA MET A 338 22.20 -1.42 -3.60
C MET A 338 21.59 -0.60 -4.74
N SER A 339 20.44 -1.02 -5.26
CA SER A 339 19.79 -0.26 -6.33
C SER A 339 19.19 1.08 -5.84
N ALA A 340 18.62 1.09 -4.63
CA ALA A 340 18.23 2.34 -3.97
C ALA A 340 19.44 3.26 -3.79
N PHE A 341 20.54 2.70 -3.29
CA PHE A 341 21.79 3.46 -3.13
C PHE A 341 22.25 4.08 -4.44
N TRP A 342 22.36 3.28 -5.50
CA TRP A 342 22.85 3.83 -6.76
C TRP A 342 21.92 4.91 -7.32
N TYR A 343 20.62 4.69 -7.20
CA TYR A 343 19.60 5.65 -7.61
C TYR A 343 19.70 6.97 -6.82
N ALA A 344 19.88 6.87 -5.50
CA ALA A 344 20.14 8.02 -4.65
C ALA A 344 21.35 8.86 -5.09
N VAL A 345 22.49 8.20 -5.27
CA VAL A 345 23.72 8.88 -5.70
C VAL A 345 23.62 9.46 -7.11
N ARG A 346 23.04 8.71 -8.04
CA ARG A 346 22.83 9.17 -9.43
C ARG A 346 22.12 10.50 -9.39
N THR A 347 20.94 10.51 -8.75
CA THR A 347 20.12 11.71 -8.57
C THR A 347 20.89 12.85 -7.91
N ALA A 348 21.62 12.56 -6.83
CA ALA A 348 22.36 13.61 -6.12
C ALA A 348 23.43 14.25 -7.01
N VAL A 349 24.20 13.41 -7.68
CA VAL A 349 25.25 13.89 -8.55
C VAL A 349 24.70 14.76 -9.70
N ILE A 350 23.71 14.24 -10.43
CA ILE A 350 23.11 15.02 -11.51
C ILE A 350 22.54 16.35 -11.02
N ASN A 351 21.86 16.35 -9.87
CA ASN A 351 21.29 17.58 -9.31
C ASN A 351 22.35 18.58 -8.84
N ALA A 352 23.41 18.11 -8.17
CA ALA A 352 24.49 19.00 -7.73
C ALA A 352 25.27 19.59 -8.92
N ALA A 353 25.63 18.74 -9.87
CA ALA A 353 26.40 19.13 -11.07
C ALA A 353 25.68 20.15 -11.96
N SER A 354 24.35 20.04 -12.04
CA SER A 354 23.55 20.92 -12.89
C SER A 354 23.04 22.15 -12.14
N GLY A 355 23.46 22.33 -10.89
CA GLY A 355 23.03 23.47 -10.09
C GLY A 355 21.60 23.44 -9.56
N ARG A 356 20.85 22.38 -9.90
CA ARG A 356 19.45 22.22 -9.45
C ARG A 356 19.33 22.19 -7.93
N GLN A 357 20.35 21.67 -7.26
CA GLN A 357 20.44 21.67 -5.80
C GLN A 357 21.87 22.00 -5.37
N THR A 358 22.03 22.46 -4.14
CA THR A 358 23.37 22.54 -3.54
C THR A 358 23.85 21.11 -3.20
N VAL A 359 25.14 20.97 -2.93
CA VAL A 359 25.72 19.67 -2.53
C VAL A 359 25.05 19.17 -1.26
N ASP A 360 24.93 20.07 -0.30
CA ASP A 360 24.22 19.82 0.94
C ASP A 360 22.79 19.24 0.71
N GLU A 361 21.95 19.97 -0.03
CA GLU A 361 20.57 19.54 -0.36
C GLU A 361 20.57 18.19 -1.06
N ALA A 362 21.37 18.07 -2.11
CA ALA A 362 21.46 16.87 -2.92
C ALA A 362 21.76 15.65 -2.06
N LEU A 363 22.78 15.77 -1.20
CA LEU A 363 23.21 14.61 -0.41
C LEU A 363 22.28 14.32 0.76
N LYS A 364 21.57 15.35 1.25
CA LYS A 364 20.51 15.15 2.24
C LYS A 364 19.37 14.31 1.65
N ASP A 365 18.95 14.66 0.43
CA ASP A 365 17.99 13.84 -0.30
C ASP A 365 18.53 12.43 -0.58
N ALA A 366 19.83 12.33 -0.88
CA ALA A 366 20.48 11.03 -1.15
C ALA A 366 20.46 10.09 0.05
N GLN A 367 20.71 10.64 1.24
CA GLN A 367 20.64 9.87 2.48
C GLN A 367 19.24 9.26 2.63
N THR A 368 18.20 10.09 2.43
CA THR A 368 16.81 9.64 2.54
C THR A 368 16.48 8.54 1.52
N ASN A 369 16.88 8.76 0.28
CA ASN A 369 16.56 7.84 -0.82
C ASN A 369 17.31 6.51 -0.73
N ALA A 370 18.55 6.54 -0.24
CA ALA A 370 19.34 5.32 -0.09
C ALA A 370 18.76 4.44 1.01
N ALA A 371 18.17 5.09 2.02
CA ALA A 371 17.47 4.42 3.12
C ALA A 371 15.94 4.50 2.97
N ALA A 372 15.48 4.45 1.72
CA ALA A 372 14.05 4.66 1.38
C ALA A 372 13.11 3.55 1.88
N GLU A 373 13.64 2.36 2.11
CA GLU A 373 12.86 1.24 2.67
C GLU A 373 12.35 1.53 4.08
N PHE A 374 12.96 2.51 4.73
CA PHE A 374 12.49 2.98 6.02
C PHE A 374 11.81 4.35 5.89
N ASP A 378 5.09 8.03 8.26
CA ASP A 378 6.32 7.32 8.58
C ASP A 378 6.25 6.80 10.02
N GLN A 379 7.12 7.34 10.88
CA GLN A 379 7.31 6.86 12.25
C GLN A 379 6.11 7.14 13.15
N HIS A 380 5.61 8.38 13.11
CA HIS A 380 4.50 8.82 13.96
C HIS A 380 3.22 8.01 13.73
N CYS A 381 2.97 7.63 12.48
CA CYS A 381 1.76 6.90 12.10
C CYS A 381 1.71 5.47 12.67
N GLU A 382 2.88 4.84 12.74
CA GLU A 382 3.01 3.47 13.27
C GLU A 382 2.73 3.40 14.76
N SER A 383 3.18 4.41 15.51
CA SER A 383 2.93 4.50 16.94
C SER A 383 1.45 4.72 17.28
N LEU A 384 0.76 5.49 16.44
CA LEU A 384 -0.63 5.90 16.69
C LEU A 384 -1.66 4.78 16.43
N SER A 385 -1.35 3.57 16.87
CA SER A 385 -2.28 2.43 16.78
C SER A 385 -1.52 1.10 17.00
N LEU A 386 -0.73 1.07 18.07
CA LEU A 386 0.09 -0.09 18.43
C LEU A 386 -0.57 -0.94 19.52
N ALA A 387 -1.84 -0.66 19.79
CA ALA A 387 -2.62 -1.46 20.73
C ALA A 387 -3.38 -2.56 19.99
N SER A 388 -3.14 -2.64 18.68
CA SER A 388 -3.77 -3.62 17.83
C SER A 388 -3.02 -4.95 17.87
N ASN A 389 -3.79 -6.03 17.95
CA ASN A 389 -3.25 -7.36 17.69
C ASN A 389 -4.17 -8.11 16.72
N ILE A 390 -3.73 -8.18 15.47
CA ILE A 390 -4.49 -8.77 14.38
C ILE A 390 -3.79 -10.05 13.93
N SER A 391 -4.57 -11.11 13.75
CA SER A 391 -4.08 -12.36 13.16
C SER A 391 -4.37 -12.39 11.66
N GLY A 392 -3.41 -12.88 10.89
CA GLY A 392 -3.55 -12.93 9.44
C GLY A 392 -3.07 -11.68 8.74
N LEU A 393 -3.55 -11.47 7.52
CA LEU A 393 -3.12 -10.38 6.65
C LEU A 393 -3.56 -9.01 7.17
N GLN A 394 -2.67 -8.04 7.05
CA GLN A 394 -2.90 -6.69 7.57
C GLN A 394 -2.29 -5.70 6.61
N CYS A 395 -2.87 -4.50 6.57
CA CYS A 395 -2.20 -3.36 5.95
C CYS A 395 -1.42 -2.62 7.05
N ASN A 396 -0.14 -2.34 6.80
CA ASN A 396 0.68 -1.60 7.79
C ASN A 396 0.26 -0.14 7.91
N ALA A 397 0.67 0.50 9.00
CA ALA A 397 0.46 1.93 9.18
C ALA A 397 1.07 2.70 8.00
N SER A 398 0.30 3.61 7.41
CA SER A 398 0.72 4.33 6.22
C SER A 398 0.15 5.74 6.18
N VAL A 399 0.97 6.70 5.79
CA VAL A 399 0.52 8.07 5.58
C VAL A 399 0.19 8.24 4.10
N ASP A 400 -1.03 8.70 3.81
CA ASP A 400 -1.43 8.88 2.42
C ASP A 400 -0.87 10.20 1.87
N LEU A 401 -1.16 10.48 0.61
CA LEU A 401 -0.56 11.66 -0.05
C LEU A 401 -1.00 13.00 0.53
N ILE A 402 -2.15 12.99 1.21
CA ILE A 402 -2.69 14.21 1.83
C ILE A 402 -2.09 14.47 3.23
N GLY A 403 -1.45 13.46 3.80
CA GLY A 403 -0.88 13.55 5.14
C GLY A 403 -1.73 12.84 6.19
N THR A 404 -2.78 12.15 5.74
CA THR A 404 -3.64 11.39 6.64
C THR A 404 -3.00 10.07 7.03
N CYS A 405 -3.02 9.78 8.33
CA CYS A 405 -2.41 8.58 8.85
C CYS A 405 -3.41 7.44 8.87
N TRP A 406 -3.11 6.39 8.11
CA TRP A 406 -3.94 5.19 8.10
C TRP A 406 -3.33 4.15 9.03
N PRO A 407 -4.09 3.71 10.05
CA PRO A 407 -3.51 2.79 11.02
C PRO A 407 -3.40 1.37 10.51
N ARG A 408 -2.53 0.59 11.14
CA ARG A 408 -2.46 -0.86 10.94
C ARG A 408 -3.86 -1.50 11.05
N SER A 409 -4.32 -2.11 9.95
CA SER A 409 -5.69 -2.63 9.86
C SER A 409 -5.78 -4.05 9.29
N PRO A 410 -6.84 -4.81 9.66
CA PRO A 410 -7.00 -6.15 9.08
C PRO A 410 -7.33 -6.08 7.60
N ALA A 411 -6.85 -7.05 6.84
CA ALA A 411 -7.21 -7.15 5.43
C ALA A 411 -8.71 -7.45 5.33
N GLY A 412 -9.36 -6.84 4.35
CA GLY A 412 -10.76 -7.09 4.07
C GLY A 412 -11.74 -6.16 4.77
N GLN A 413 -11.22 -5.06 5.32
CA GLN A 413 -11.99 -4.10 6.12
C GLN A 413 -11.93 -2.66 5.60
N LEU A 414 -13.05 -1.96 5.68
CA LEU A 414 -13.08 -0.54 5.39
C LEU A 414 -12.58 0.21 6.62
N VAL A 415 -11.71 1.18 6.40
CA VAL A 415 -11.11 1.93 7.50
C VAL A 415 -11.58 3.36 7.43
N VAL A 416 -11.83 3.93 8.60
CA VAL A 416 -12.45 5.26 8.71
C VAL A 416 -11.58 6.15 9.60
N ARG A 417 -11.11 7.25 9.03
CA ARG A 417 -10.31 8.22 9.77
C ARG A 417 -10.90 9.60 9.57
N PRO A 418 -10.78 10.49 10.58
CA PRO A 418 -11.34 11.84 10.42
C PRO A 418 -10.63 12.61 9.31
N CYS A 419 -11.32 13.64 8.79
CA CYS A 419 -10.75 14.53 7.78
C CYS A 419 -9.68 15.42 8.40
N PRO A 420 -8.62 15.74 7.64
CA PRO A 420 -7.53 16.57 8.15
C PRO A 420 -8.04 17.94 8.60
N ALA A 421 -7.55 18.41 9.74
CA ALA A 421 -7.91 19.74 10.26
C ALA A 421 -7.56 20.82 9.24
N PHE A 422 -6.33 20.71 8.69
CA PHE A 422 -5.89 21.64 7.64
C PHE A 422 -5.32 20.88 6.44
N PHE A 423 -5.59 21.40 5.24
CA PHE A 423 -5.05 20.83 3.99
C PHE A 423 -4.67 21.94 3.01
N TYR A 424 -3.35 22.15 2.87
CA TYR A 424 -2.80 23.29 2.13
C TYR A 424 -3.26 24.63 2.72
N GLY A 425 -3.19 24.72 4.06
CA GLY A 425 -3.63 25.89 4.81
C GLY A 425 -5.13 26.16 4.71
N VAL A 426 -5.92 25.08 4.76
CA VAL A 426 -7.38 25.17 4.61
C VAL A 426 -8.12 24.39 5.71
N ARG A 427 -9.07 25.06 6.35
CA ARG A 427 -9.90 24.46 7.38
C ARG A 427 -10.84 23.39 6.79
N TYR A 428 -10.93 22.22 7.59
CA TYR A 428 -11.94 21.21 7.29
C TYR A 428 -12.57 20.71 8.60
N ASN A 429 -13.84 20.32 8.53
CA ASN A 429 -14.56 19.79 9.68
C ASN A 429 -14.12 18.35 9.97
N THR A 430 -13.51 18.15 11.13
CA THR A 430 -12.99 16.83 11.54
C THR A 430 -14.09 15.91 12.06
N THR A 431 -15.34 16.39 12.01
CA THR A 431 -16.50 15.56 12.34
C THR A 431 -16.83 14.63 11.16
N ASN A 432 -16.47 15.11 9.95
CA ASN A 432 -16.55 14.29 8.74
C ASN A 432 -15.37 13.30 8.70
N ASN A 433 -15.55 12.21 7.94
CA ASN A 433 -14.52 11.17 7.80
C ASN A 433 -14.11 10.91 6.34
N GLY A 434 -12.90 10.37 6.17
CA GLY A 434 -12.46 9.79 4.92
C GLY A 434 -12.45 8.28 5.04
N TYR A 435 -12.49 7.60 3.91
CA TYR A 435 -12.67 6.14 3.90
C TYR A 435 -11.64 5.49 3.00
N ARG A 436 -11.03 4.41 3.50
CA ARG A 436 -10.05 3.66 2.73
C ARG A 436 -10.19 2.18 3.03
N GLU A 437 -10.20 1.37 1.98
CA GLU A 437 -10.29 -0.08 2.13
C GLU A 437 -8.90 -0.71 2.30
N CYS A 438 -8.72 -1.50 3.35
CA CYS A 438 -7.57 -2.39 3.43
C CYS A 438 -7.99 -3.67 2.67
N LEU A 439 -7.33 -3.93 1.54
CA LEU A 439 -7.79 -4.97 0.61
C LEU A 439 -7.61 -6.37 1.23
N ALA A 440 -8.33 -7.35 0.70
CA ALA A 440 -8.26 -8.73 1.18
C ALA A 440 -6.81 -9.27 1.19
N ASN A 441 -5.97 -8.76 0.31
CA ASN A 441 -4.58 -9.24 0.21
C ASN A 441 -3.60 -8.52 1.15
N GLY A 442 -4.11 -7.58 1.93
CA GLY A 442 -3.27 -6.81 2.85
C GLY A 442 -2.55 -5.59 2.27
N SER A 443 -2.94 -5.17 1.07
CA SER A 443 -2.49 -3.88 0.54
C SER A 443 -3.59 -2.86 0.73
N TRP A 444 -3.21 -1.60 0.93
CA TRP A 444 -4.19 -0.53 0.94
C TRP A 444 -4.71 -0.31 -0.47
N ALA A 445 -6.01 -0.05 -0.60
CA ALA A 445 -6.57 0.47 -1.84
C ALA A 445 -5.80 1.72 -2.22
N ALA A 446 -5.54 1.90 -3.51
CA ALA A 446 -4.75 3.05 -3.98
C ALA A 446 -5.44 4.39 -3.71
N ARG A 447 -6.78 4.38 -3.67
CA ARG A 447 -7.58 5.60 -3.57
C ARG A 447 -8.34 5.72 -2.25
N VAL A 448 -8.41 6.94 -1.74
CA VAL A 448 -9.16 7.25 -0.52
C VAL A 448 -10.38 8.07 -0.92
N ASN A 449 -11.53 7.75 -0.33
CA ASN A 449 -12.72 8.55 -0.52
C ASN A 449 -12.73 9.72 0.45
N TYR A 450 -12.45 10.90 -0.08
CA TYR A 450 -12.47 12.15 0.69
C TYR A 450 -13.70 13.00 0.40
N SER A 451 -14.67 12.45 -0.33
CA SER A 451 -15.81 13.23 -0.81
C SER A 451 -16.57 13.95 0.31
N GLU A 452 -16.57 13.36 1.50
CA GLU A 452 -17.39 13.87 2.60
C GLU A 452 -16.82 15.07 3.36
N CYS A 453 -15.51 15.31 3.22
CA CYS A 453 -14.85 16.41 3.90
C CYS A 453 -15.23 17.75 3.23
N GLN A 454 -16.31 18.37 3.73
CA GLN A 454 -16.85 19.58 3.09
C GLN A 454 -16.07 20.87 3.49
N GLU A 455 -15.99 21.81 2.54
CA GLU A 455 -15.23 23.06 2.71
C GLU A 455 -16.15 24.08 3.37
N LYS B 3 -4.76 6.35 28.14
CA LYS B 3 -4.91 4.94 28.62
C LYS B 3 -6.13 4.82 29.55
N ILE B 4 -6.80 3.68 29.52
CA ILE B 4 -8.03 3.48 30.30
C ILE B 4 -7.73 3.37 31.80
N GLU B 5 -8.55 4.05 32.59
CA GLU B 5 -8.41 4.10 34.05
C GLU B 5 -8.86 2.79 34.72
N GLU B 6 -8.00 2.22 35.54
CA GLU B 6 -8.34 1.01 36.29
C GLU B 6 -9.16 1.36 37.53
N GLY B 7 -10.13 0.52 37.87
CA GLY B 7 -10.95 0.71 39.05
C GLY B 7 -12.20 1.52 38.81
N LYS B 8 -12.52 1.76 37.55
CA LYS B 8 -13.82 2.31 37.17
C LYS B 8 -14.36 1.70 35.86
N LEU B 9 -15.60 2.04 35.54
CA LEU B 9 -16.23 1.53 34.32
C LEU B 9 -16.80 2.63 33.44
N VAL B 10 -16.26 2.77 32.24
CA VAL B 10 -16.80 3.71 31.29
C VAL B 10 -17.53 2.87 30.24
N ILE B 11 -18.78 3.22 29.98
CA ILE B 11 -19.64 2.47 29.07
C ILE B 11 -20.09 3.44 27.99
N TRP B 12 -20.00 3.00 26.73
CA TRP B 12 -20.53 3.76 25.58
C TRP B 12 -21.73 3.05 24.99
N ILE B 13 -22.82 3.78 24.79
CA ILE B 13 -24.03 3.25 24.17
C ILE B 13 -24.64 4.38 23.36
N ASN B 14 -25.38 4.05 22.30
CA ASN B 14 -25.93 5.06 21.44
C ASN B 14 -27.02 5.84 22.14
N GLY B 15 -27.05 7.14 21.89
CA GLY B 15 -27.99 8.03 22.56
C GLY B 15 -29.45 7.76 22.25
N ASP B 16 -29.77 6.97 21.22
CA ASP B 16 -31.17 6.63 21.01
C ASP B 16 -31.63 5.48 21.92
N LYS B 17 -30.72 4.94 22.74
CA LYS B 17 -31.05 3.83 23.64
C LYS B 17 -31.34 4.31 25.09
N GLY B 18 -31.75 3.39 25.96
CA GLY B 18 -32.16 3.75 27.33
C GLY B 18 -30.96 3.91 28.25
N TYR B 19 -30.10 4.90 27.95
CA TYR B 19 -28.81 5.13 28.63
C TYR B 19 -29.02 5.69 30.05
N ASN B 20 -30.15 6.36 30.28
CA ASN B 20 -30.50 6.80 31.63
C ASN B 20 -30.83 5.60 32.52
N GLY B 21 -31.50 4.60 31.94
CA GLY B 21 -31.86 3.39 32.66
C GLY B 21 -30.61 2.57 32.91
N LEU B 22 -29.72 2.50 31.91
CA LEU B 22 -28.45 1.82 32.08
C LEU B 22 -27.66 2.53 33.18
N ALA B 23 -27.73 3.86 33.20
CA ALA B 23 -27.00 4.64 34.23
C ALA B 23 -27.55 4.35 35.64
N GLU B 24 -28.82 3.97 35.75
CA GLU B 24 -29.41 3.58 37.05
C GLU B 24 -28.87 2.23 37.51
N VAL B 25 -28.72 1.30 36.57
CA VAL B 25 -28.04 0.05 36.88
C VAL B 25 -26.59 0.35 37.32
N GLY B 26 -25.93 1.29 36.64
CA GLY B 26 -24.58 1.73 37.02
C GLY B 26 -24.51 2.29 38.44
N LYS B 27 -25.49 3.10 38.81
CA LYS B 27 -25.54 3.70 40.14
C LYS B 27 -25.68 2.64 41.24
N LYS B 28 -26.46 1.59 40.98
CA LYS B 28 -26.58 0.51 41.94
C LYS B 28 -25.26 -0.28 42.03
N PHE B 29 -24.64 -0.53 40.88
CA PHE B 29 -23.34 -1.18 40.87
C PHE B 29 -22.34 -0.40 41.70
N GLU B 30 -22.32 0.92 41.53
CA GLU B 30 -21.47 1.82 42.33
C GLU B 30 -21.78 1.75 43.81
N LYS B 31 -23.07 1.74 44.15
CA LYS B 31 -23.49 1.66 45.54
C LYS B 31 -23.03 0.36 46.20
N ASP B 32 -23.06 -0.72 45.43
CA ASP B 32 -22.68 -2.06 45.92
C ASP B 32 -21.18 -2.36 45.94
N THR B 33 -20.41 -1.68 45.09
CA THR B 33 -18.98 -1.98 44.96
C THR B 33 -18.06 -0.80 45.27
N GLY B 34 -18.56 0.43 45.16
CA GLY B 34 -17.72 1.61 45.27
C GLY B 34 -16.98 1.94 43.98
N ILE B 35 -17.34 1.26 42.89
CA ILE B 35 -16.76 1.46 41.56
C ILE B 35 -17.62 2.46 40.79
N LYS B 36 -17.04 3.58 40.39
CA LYS B 36 -17.75 4.59 39.57
C LYS B 36 -18.05 4.07 38.15
N VAL B 37 -19.33 4.08 37.76
CA VAL B 37 -19.75 3.69 36.41
C VAL B 37 -20.16 4.98 35.68
N THR B 38 -19.57 5.21 34.53
CA THR B 38 -19.83 6.42 33.74
C THR B 38 -20.44 5.96 32.42
N VAL B 39 -21.67 6.39 32.13
CA VAL B 39 -22.32 6.04 30.85
C VAL B 39 -22.23 7.27 29.94
N GLU B 40 -21.69 7.07 28.75
CA GLU B 40 -21.50 8.14 27.77
C GLU B 40 -22.18 7.70 26.48
N HIS B 41 -22.60 8.65 25.66
CA HIS B 41 -23.30 8.30 24.41
C HIS B 41 -22.86 9.18 23.23
N PRO B 42 -21.59 9.04 22.82
CA PRO B 42 -21.12 9.90 21.76
C PRO B 42 -21.86 9.59 20.46
N ASP B 43 -22.07 10.61 19.65
CA ASP B 43 -22.60 10.47 18.31
C ASP B 43 -21.62 9.65 17.48
N LYS B 44 -22.16 8.89 16.54
CA LYS B 44 -21.35 8.07 15.62
C LYS B 44 -20.45 7.12 16.39
N LEU B 45 -20.92 6.60 17.53
CA LEU B 45 -20.06 5.76 18.35
C LEU B 45 -19.54 4.50 17.63
N GLU B 46 -20.30 4.00 16.65
CA GLU B 46 -19.90 2.77 15.94
C GLU B 46 -18.59 2.94 15.16
N GLU B 47 -18.36 4.17 14.68
CA GLU B 47 -17.10 4.57 14.02
C GLU B 47 -16.04 5.15 14.96
N LYS B 48 -16.47 5.87 15.99
CA LYS B 48 -15.52 6.43 16.95
C LYS B 48 -14.83 5.34 17.76
N PHE B 49 -15.55 4.30 18.17
CA PHE B 49 -14.95 3.23 19.00
C PHE B 49 -13.66 2.63 18.42
N PRO B 50 -13.73 2.11 17.19
CA PRO B 50 -12.51 1.51 16.66
C PRO B 50 -11.36 2.50 16.49
N GLN B 51 -11.68 3.78 16.23
CA GLN B 51 -10.66 4.83 16.13
C GLN B 51 -9.94 5.08 17.45
N VAL B 52 -10.69 5.11 18.55
CA VAL B 52 -10.11 5.35 19.88
C VAL B 52 -9.47 4.09 20.48
N ALA B 53 -10.10 2.94 20.27
CA ALA B 53 -9.66 1.69 20.88
C ALA B 53 -8.37 1.15 20.27
N ALA B 54 -8.16 1.42 18.98
CA ALA B 54 -6.92 1.01 18.29
C ALA B 54 -5.68 1.62 18.94
N THR B 55 -5.90 2.66 19.75
CA THR B 55 -4.82 3.35 20.45
C THR B 55 -4.74 2.87 21.91
N GLY B 56 -5.72 2.07 22.32
CA GLY B 56 -5.74 1.55 23.69
C GLY B 56 -6.45 2.48 24.66
N ASP B 57 -7.23 3.41 24.11
CA ASP B 57 -8.12 4.28 24.88
C ASP B 57 -9.56 3.75 24.68
N GLY B 58 -10.56 4.59 24.98
CA GLY B 58 -11.96 4.23 24.72
C GLY B 58 -12.69 3.74 25.97
N PRO B 59 -13.92 3.22 25.81
CA PRO B 59 -14.65 2.73 26.98
C PRO B 59 -14.19 1.32 27.40
N ASP B 60 -14.53 0.93 28.63
CA ASP B 60 -14.41 -0.45 29.06
C ASP B 60 -15.45 -1.33 28.36
N ILE B 61 -16.64 -0.79 28.12
CA ILE B 61 -17.75 -1.55 27.53
C ILE B 61 -18.35 -0.75 26.37
N ILE B 62 -18.60 -1.43 25.25
CA ILE B 62 -19.27 -0.83 24.10
C ILE B 62 -20.55 -1.60 23.69
N PHE B 63 -21.66 -0.86 23.54
CA PHE B 63 -22.96 -1.37 23.13
C PHE B 63 -23.23 -0.96 21.68
N TRP B 64 -23.44 -1.94 20.81
CA TRP B 64 -23.93 -1.68 19.46
C TRP B 64 -24.61 -2.94 18.96
N ALA B 65 -25.38 -2.85 17.88
CA ALA B 65 -25.91 -4.03 17.24
C ALA B 65 -24.72 -4.91 16.83
N HIS B 66 -24.91 -6.21 16.80
CA HIS B 66 -23.85 -7.19 16.57
C HIS B 66 -23.14 -7.08 15.23
N ASP B 67 -23.74 -6.39 14.24
CA ASP B 67 -23.14 -6.39 12.88
C ASP B 67 -21.77 -5.69 12.80
N ARG B 68 -21.49 -4.84 13.78
CA ARG B 68 -20.22 -4.11 13.81
C ARG B 68 -19.10 -4.90 14.50
N PHE B 69 -19.48 -5.94 15.23
CA PHE B 69 -18.59 -6.58 16.21
C PHE B 69 -17.56 -7.53 15.61
N GLY B 70 -17.85 -8.09 14.45
CA GLY B 70 -16.87 -8.89 13.72
C GLY B 70 -15.64 -8.10 13.32
N GLY B 71 -15.85 -6.89 12.80
CA GLY B 71 -14.72 -6.02 12.43
C GLY B 71 -13.92 -5.61 13.67
N TYR B 72 -14.61 -5.30 14.77
CA TYR B 72 -13.92 -4.97 16.01
C TYR B 72 -13.05 -6.14 16.49
N ALA B 73 -13.62 -7.35 16.47
CA ALA B 73 -12.91 -8.55 16.89
C ALA B 73 -11.69 -8.82 16.01
N GLN B 74 -11.86 -8.69 14.69
CA GLN B 74 -10.75 -8.91 13.76
C GLN B 74 -9.61 -7.91 13.99
N SER B 75 -9.98 -6.68 14.36
CA SER B 75 -9.01 -5.65 14.71
C SER B 75 -8.37 -5.85 16.09
N GLY B 76 -8.83 -6.87 16.83
CA GLY B 76 -8.23 -7.21 18.11
C GLY B 76 -8.74 -6.29 19.21
N LEU B 77 -9.86 -5.62 18.93
CA LEU B 77 -10.38 -4.60 19.83
C LEU B 77 -11.25 -5.15 20.96
N LEU B 78 -11.67 -6.41 20.82
CA LEU B 78 -12.57 -7.02 21.81
C LEU B 78 -11.97 -8.19 22.56
N ALA B 79 -12.24 -8.24 23.86
CA ALA B 79 -11.89 -9.37 24.70
C ALA B 79 -12.83 -10.53 24.37
N GLU B 80 -12.34 -11.77 24.38
CA GLU B 80 -13.23 -12.92 24.35
C GLU B 80 -13.95 -12.93 25.70
N ILE B 81 -15.26 -13.17 25.70
CA ILE B 81 -15.99 -13.20 26.96
C ILE B 81 -16.00 -14.62 27.49
N THR B 82 -16.24 -14.79 28.78
CA THR B 82 -16.04 -16.09 29.43
C THR B 82 -17.22 -16.58 30.29
N PRO B 83 -18.48 -16.46 29.80
CA PRO B 83 -19.59 -16.86 30.68
C PRO B 83 -19.64 -18.39 30.87
N ASP B 84 -19.92 -18.85 32.10
CA ASP B 84 -20.06 -20.29 32.36
C ASP B 84 -21.31 -20.83 31.67
N LYS B 85 -21.44 -22.16 31.62
CA LYS B 85 -22.56 -22.81 30.95
C LYS B 85 -23.93 -22.38 31.49
N ALA B 86 -24.05 -22.32 32.81
CA ALA B 86 -25.24 -21.79 33.49
C ALA B 86 -25.66 -20.42 32.98
N PHE B 87 -24.73 -19.47 32.90
CA PHE B 87 -25.07 -18.15 32.34
C PHE B 87 -25.52 -18.24 30.90
N GLN B 88 -24.79 -18.96 30.06
CA GLN B 88 -25.11 -19.04 28.65
C GLN B 88 -26.52 -19.57 28.44
N ASP B 89 -26.91 -20.49 29.31
CA ASP B 89 -28.24 -21.08 29.27
C ASP B 89 -29.35 -20.08 29.61
N LYS B 90 -29.02 -18.98 30.26
CA LYS B 90 -30.02 -17.94 30.54
C LYS B 90 -30.43 -17.12 29.32
N LEU B 91 -29.67 -17.20 28.24
CA LEU B 91 -30.04 -16.44 27.05
C LEU B 91 -30.40 -17.39 25.91
N TYR B 92 -31.19 -16.93 24.95
CA TYR B 92 -31.53 -17.74 23.77
C TYR B 92 -30.34 -18.11 22.90
N PRO B 93 -30.26 -19.38 22.48
CA PRO B 93 -29.21 -19.82 21.55
C PRO B 93 -28.92 -18.82 20.42
N PHE B 94 -29.94 -18.40 19.67
CA PHE B 94 -29.71 -17.58 18.49
C PHE B 94 -29.01 -16.25 18.79
N THR B 95 -29.13 -15.75 20.03
CA THR B 95 -28.52 -14.47 20.35
C THR B 95 -27.02 -14.67 20.58
N TRP B 96 -26.65 -15.80 21.19
CA TRP B 96 -25.23 -16.15 21.29
C TRP B 96 -24.60 -16.36 19.90
N ASP B 97 -25.38 -16.94 18.98
CA ASP B 97 -24.89 -17.12 17.60
C ASP B 97 -24.50 -15.77 16.96
N ALA B 98 -25.23 -14.71 17.29
CA ALA B 98 -25.03 -13.41 16.66
C ALA B 98 -23.72 -12.74 17.08
N VAL B 99 -23.17 -13.16 18.23
CA VAL B 99 -21.94 -12.57 18.82
C VAL B 99 -20.78 -13.59 18.89
N ARG B 100 -20.87 -14.62 18.05
CA ARG B 100 -19.82 -15.62 17.95
C ARG B 100 -19.09 -15.35 16.65
N TYR B 101 -17.78 -15.18 16.77
CA TYR B 101 -16.98 -14.79 15.64
C TYR B 101 -15.70 -15.60 15.66
N ASN B 102 -15.46 -16.29 14.56
CA ASN B 102 -14.33 -17.23 14.44
C ASN B 102 -14.26 -18.17 15.63
N GLY B 103 -15.42 -18.66 16.05
CA GLY B 103 -15.50 -19.67 17.10
C GLY B 103 -15.55 -19.15 18.52
N LYS B 104 -15.32 -17.85 18.70
CA LYS B 104 -15.26 -17.24 20.03
C LYS B 104 -16.44 -16.31 20.27
N LEU B 105 -16.94 -16.33 21.49
CA LEU B 105 -17.88 -15.30 21.95
C LEU B 105 -17.18 -13.96 22.20
N ILE B 106 -17.66 -12.90 21.55
CA ILE B 106 -17.01 -11.60 21.54
C ILE B 106 -17.86 -10.46 22.15
N ALA B 107 -19.02 -10.81 22.70
CA ALA B 107 -19.95 -9.87 23.31
C ALA B 107 -21.08 -10.60 24.02
N TYR B 108 -21.72 -9.89 24.95
CA TYR B 108 -22.96 -10.33 25.60
C TYR B 108 -24.15 -9.79 24.80
N PRO B 109 -25.05 -10.67 24.37
CA PRO B 109 -26.28 -10.17 23.73
C PRO B 109 -27.26 -9.56 24.75
N ILE B 110 -27.90 -8.46 24.37
CA ILE B 110 -28.77 -7.73 25.29
C ILE B 110 -30.20 -7.72 24.75
N ALA B 111 -30.39 -7.26 23.52
CA ALA B 111 -31.74 -7.08 22.99
C ALA B 111 -31.83 -7.34 21.51
N VAL B 112 -33.00 -7.76 21.05
CA VAL B 112 -33.21 -8.08 19.64
C VAL B 112 -33.99 -6.91 19.02
N GLU B 113 -33.35 -6.20 18.09
CA GLU B 113 -33.91 -5.00 17.45
C GLU B 113 -34.49 -5.23 16.04
N ALA B 114 -35.78 -5.01 15.88
CA ALA B 114 -36.40 -5.08 14.58
C ALA B 114 -37.24 -3.80 14.31
N LEU B 115 -37.13 -3.25 13.10
CA LEU B 115 -37.99 -2.13 12.67
C LEU B 115 -39.43 -2.55 12.47
N SER B 116 -40.37 -1.67 12.82
CA SER B 116 -41.78 -1.89 12.54
C SER B 116 -42.40 -0.61 11.96
N LEU B 117 -43.65 -0.72 11.52
CA LEU B 117 -44.44 0.41 11.07
C LEU B 117 -45.17 1.00 12.26
N ILE B 118 -44.91 2.28 12.54
CA ILE B 118 -45.55 3.01 13.65
C ILE B 118 -46.57 3.93 13.00
N TYR B 119 -47.81 3.90 13.48
CA TYR B 119 -48.86 4.66 12.83
C TYR B 119 -49.78 5.38 13.80
N ASN B 120 -50.35 6.48 13.32
CA ASN B 120 -51.22 7.33 14.11
C ASN B 120 -52.64 6.80 13.90
N LYS B 121 -53.24 6.28 14.96
CA LYS B 121 -54.57 5.63 14.84
C LYS B 121 -55.69 6.59 14.49
N ASP B 122 -55.53 7.87 14.80
CA ASP B 122 -56.59 8.85 14.47
C ASP B 122 -56.54 9.28 13.01
N LEU B 123 -55.33 9.39 12.48
CA LEU B 123 -55.14 9.69 11.07
C LEU B 123 -55.41 8.48 10.21
N LEU B 124 -55.06 7.30 10.73
CA LEU B 124 -55.07 6.08 9.94
C LEU B 124 -55.44 4.87 10.81
N PRO B 125 -56.74 4.64 11.03
CA PRO B 125 -57.17 3.48 11.85
C PRO B 125 -56.77 2.13 11.24
N ASN B 126 -56.85 2.02 9.92
CA ASN B 126 -56.43 0.82 9.21
C ASN B 126 -55.18 1.08 8.37
N PRO B 127 -53.99 0.80 8.93
CA PRO B 127 -52.71 1.00 8.24
C PRO B 127 -52.61 0.13 6.97
N PRO B 128 -51.84 0.60 5.96
CA PRO B 128 -51.72 -0.13 4.70
C PRO B 128 -50.99 -1.47 4.87
N LYS B 129 -51.46 -2.47 4.11
CA LYS B 129 -50.84 -3.79 4.09
C LYS B 129 -49.73 -3.86 3.05
N THR B 130 -49.76 -2.94 2.08
CA THR B 130 -48.81 -2.89 0.97
C THR B 130 -48.17 -1.51 0.83
N TRP B 131 -46.92 -1.51 0.37
CA TRP B 131 -46.25 -0.28 -0.03
C TRP B 131 -46.98 0.44 -1.18
N GLU B 132 -47.50 -0.35 -2.12
CA GLU B 132 -48.11 0.16 -3.33
C GLU B 132 -49.34 1.04 -3.11
N GLU B 133 -49.99 0.89 -1.95
CA GLU B 133 -51.14 1.75 -1.62
C GLU B 133 -50.78 3.08 -0.96
N ILE B 134 -49.50 3.28 -0.61
CA ILE B 134 -49.09 4.49 0.10
C ILE B 134 -49.24 5.80 -0.72
N PRO B 135 -48.92 5.78 -2.04
CA PRO B 135 -49.18 6.96 -2.87
C PRO B 135 -50.62 7.49 -2.84
N ALA B 136 -51.61 6.63 -3.06
CA ALA B 136 -53.02 7.07 -3.01
C ALA B 136 -53.43 7.56 -1.62
N LEU B 137 -52.92 6.89 -0.58
CA LEU B 137 -53.15 7.30 0.79
C LEU B 137 -52.52 8.66 1.09
N ASP B 138 -51.30 8.88 0.61
CA ASP B 138 -50.67 10.19 0.75
C ASP B 138 -51.49 11.27 0.07
N LYS B 139 -52.07 10.94 -1.08
CA LYS B 139 -52.95 11.85 -1.83
C LYS B 139 -54.21 12.23 -1.04
N GLU B 140 -54.86 11.25 -0.42
CA GLU B 140 -56.01 11.52 0.48
C GLU B 140 -55.61 12.40 1.69
N LEU B 141 -54.44 12.13 2.27
CA LEU B 141 -53.99 12.87 3.45
C LEU B 141 -53.50 14.29 3.18
N LYS B 142 -52.92 14.51 2.00
CA LYS B 142 -52.42 15.84 1.61
C LYS B 142 -53.56 16.87 1.49
N ALA B 143 -54.74 16.41 1.06
CA ALA B 143 -55.95 17.25 1.02
C ALA B 143 -56.42 17.73 2.41
N LYS B 144 -55.98 17.02 3.45
CA LYS B 144 -56.21 17.40 4.85
C LYS B 144 -54.98 18.10 5.45
N GLY B 145 -53.97 18.36 4.61
CA GLY B 145 -52.73 18.97 5.05
C GLY B 145 -51.89 18.03 5.90
N LYS B 146 -51.94 16.75 5.57
CA LYS B 146 -51.13 15.73 6.25
C LYS B 146 -50.33 14.97 5.21
N SER B 147 -49.46 14.08 5.65
CA SER B 147 -48.75 13.18 4.75
C SER B 147 -48.87 11.75 5.28
N ALA B 148 -48.67 10.78 4.39
CA ALA B 148 -48.83 9.38 4.77
C ALA B 148 -47.66 8.86 5.59
N LEU B 149 -46.45 9.16 5.14
CA LEU B 149 -45.28 8.46 5.66
C LEU B 149 -44.02 9.33 5.66
N MET B 150 -43.34 9.35 6.81
CA MET B 150 -42.03 9.98 6.89
C MET B 150 -41.11 9.12 7.73
N PHE B 151 -39.93 8.81 7.18
CA PHE B 151 -38.90 8.14 7.96
C PHE B 151 -37.50 8.58 7.54
N ASN B 152 -36.52 8.15 8.33
CA ASN B 152 -35.13 8.52 8.12
C ASN B 152 -34.55 7.95 6.83
N LEU B 153 -34.31 8.83 5.86
CA LEU B 153 -33.68 8.44 4.59
C LEU B 153 -32.17 8.59 4.57
N GLN B 154 -31.58 9.03 5.68
CA GLN B 154 -30.15 9.25 5.74
C GLN B 154 -29.42 8.05 6.32
N GLU B 155 -30.17 7.05 6.78
CA GLU B 155 -29.56 5.83 7.35
C GLU B 155 -30.17 4.69 6.57
N PRO B 156 -29.31 3.88 5.91
CA PRO B 156 -29.79 2.80 5.06
C PRO B 156 -30.54 1.69 5.84
N TYR B 157 -30.32 1.61 7.15
CA TYR B 157 -31.04 0.69 8.02
C TYR B 157 -32.54 0.74 7.75
N PHE B 158 -33.05 1.94 7.49
CA PHE B 158 -34.50 2.12 7.43
C PHE B 158 -35.10 1.82 6.08
N THR B 159 -34.28 1.93 5.03
CA THR B 159 -34.76 1.70 3.66
C THR B 159 -34.48 0.27 3.24
N TRP B 160 -33.48 -0.34 3.88
CA TRP B 160 -33.14 -1.72 3.58
C TRP B 160 -34.31 -2.70 3.51
N PRO B 161 -35.29 -2.62 4.43
CA PRO B 161 -36.37 -3.60 4.38
C PRO B 161 -37.14 -3.65 3.07
N LEU B 162 -37.29 -2.50 2.43
CA LEU B 162 -37.98 -2.40 1.15
C LEU B 162 -37.09 -2.89 0.01
N ILE B 163 -35.80 -2.59 0.11
CA ILE B 163 -34.81 -3.06 -0.85
C ILE B 163 -34.67 -4.58 -0.84
N ALA B 164 -34.68 -5.17 0.35
CA ALA B 164 -34.60 -6.62 0.47
C ALA B 164 -35.91 -7.34 0.13
N ALA B 165 -37.03 -6.60 0.13
CA ALA B 165 -38.37 -7.21 0.01
C ALA B 165 -38.49 -8.14 -1.18
N ASP B 166 -38.21 -7.62 -2.36
CA ASP B 166 -38.41 -8.39 -3.61
C ASP B 166 -37.13 -9.11 -4.07
N GLY B 167 -36.14 -9.23 -3.18
CA GLY B 167 -34.95 -10.04 -3.52
C GLY B 167 -33.58 -9.46 -3.28
N GLY B 168 -33.48 -8.23 -2.81
CA GLY B 168 -32.19 -7.66 -2.40
C GLY B 168 -31.56 -8.45 -1.26
N TYR B 169 -30.24 -8.58 -1.25
CA TYR B 169 -29.54 -9.19 -0.11
C TYR B 169 -28.14 -8.58 0.07
N ALA B 170 -27.54 -8.81 1.22
CA ALA B 170 -26.20 -8.31 1.50
C ALA B 170 -25.17 -9.28 0.94
N PHE B 171 -24.90 -10.35 1.66
CA PHE B 171 -23.97 -11.38 1.18
C PHE B 171 -24.66 -12.72 1.14
N LYS B 172 -24.57 -13.40 0.00
CA LYS B 172 -25.21 -14.71 -0.14
C LYS B 172 -24.61 -15.70 0.85
N TYR B 173 -25.48 -16.35 1.61
CA TYR B 173 -25.03 -17.34 2.58
C TYR B 173 -24.96 -18.69 1.90
N GLU B 174 -23.77 -19.29 1.95
CA GLU B 174 -23.48 -20.55 1.27
C GLU B 174 -22.73 -21.47 2.23
N ASN B 175 -23.26 -22.67 2.42
CA ASN B 175 -22.61 -23.70 3.26
C ASN B 175 -21.71 -23.13 4.35
N GLY B 176 -22.33 -22.65 5.42
CA GLY B 176 -21.62 -22.16 6.60
C GLY B 176 -20.70 -20.97 6.41
N LYS B 177 -20.78 -20.31 5.25
CA LYS B 177 -20.02 -19.08 5.00
C LYS B 177 -20.73 -18.09 4.09
N TYR B 178 -20.56 -16.80 4.40
CA TYR B 178 -21.14 -15.72 3.61
C TYR B 178 -20.21 -15.37 2.45
N ASP B 179 -20.65 -15.68 1.24
CA ASP B 179 -19.91 -15.36 0.01
C ASP B 179 -19.80 -13.85 -0.19
N ILE B 180 -18.64 -13.31 0.17
CA ILE B 180 -18.39 -11.87 0.14
C ILE B 180 -18.28 -11.30 -1.28
N LYS B 181 -17.92 -12.15 -2.24
CA LYS B 181 -17.90 -11.73 -3.65
C LYS B 181 -19.30 -11.58 -4.26
N ASP B 182 -20.25 -12.37 -3.76
CA ASP B 182 -21.63 -12.33 -4.21
C ASP B 182 -22.47 -11.36 -3.35
N VAL B 183 -22.52 -10.11 -3.78
CA VAL B 183 -23.34 -9.10 -3.09
C VAL B 183 -24.64 -8.90 -3.87
N GLY B 184 -25.75 -8.76 -3.15
CA GLY B 184 -27.07 -8.71 -3.79
C GLY B 184 -27.76 -7.37 -3.72
N VAL B 185 -26.97 -6.30 -3.75
CA VAL B 185 -27.52 -4.95 -3.66
C VAL B 185 -27.90 -4.39 -5.02
N ASP B 186 -27.62 -5.14 -6.08
CA ASP B 186 -27.82 -4.66 -7.44
C ASP B 186 -28.59 -5.64 -8.32
N ASN B 187 -29.38 -6.53 -7.70
CA ASN B 187 -30.22 -7.43 -8.50
C ASN B 187 -31.59 -6.78 -8.75
N ALA B 188 -32.47 -7.49 -9.45
CA ALA B 188 -33.78 -6.94 -9.83
C ALA B 188 -34.62 -6.49 -8.63
N GLY B 189 -34.56 -7.27 -7.55
CA GLY B 189 -35.33 -6.99 -6.34
C GLY B 189 -34.87 -5.72 -5.65
N ALA B 190 -33.55 -5.55 -5.53
CA ALA B 190 -33.00 -4.34 -4.89
C ALA B 190 -33.28 -3.10 -5.74
N LYS B 191 -33.20 -3.24 -7.06
CA LYS B 191 -33.53 -2.15 -7.98
C LYS B 191 -35.00 -1.75 -7.91
N ALA B 192 -35.89 -2.74 -7.89
CA ALA B 192 -37.34 -2.51 -7.80
C ALA B 192 -37.69 -1.78 -6.49
N GLY B 193 -37.06 -2.19 -5.40
CA GLY B 193 -37.29 -1.57 -4.10
C GLY B 193 -36.87 -0.11 -4.04
N LEU B 194 -35.66 0.18 -4.49
CA LEU B 194 -35.14 1.54 -4.46
C LEU B 194 -35.90 2.42 -5.45
N THR B 195 -36.20 1.86 -6.63
CA THR B 195 -36.97 2.57 -7.63
C THR B 195 -38.32 3.01 -7.06
N PHE B 196 -38.97 2.13 -6.32
CA PHE B 196 -40.22 2.50 -5.67
C PHE B 196 -40.04 3.69 -4.74
N LEU B 197 -38.97 3.66 -3.95
CA LEU B 197 -38.70 4.73 -2.97
C LEU B 197 -38.42 6.05 -3.69
N VAL B 198 -37.62 5.99 -4.74
CA VAL B 198 -37.33 7.14 -5.59
C VAL B 198 -38.61 7.74 -6.21
N ASP B 199 -39.54 6.88 -6.60
CA ASP B 199 -40.82 7.28 -7.19
C ASP B 199 -41.72 8.01 -6.19
N LEU B 200 -41.72 7.56 -4.93
CA LEU B 200 -42.44 8.26 -3.85
C LEU B 200 -41.96 9.71 -3.74
N ILE B 201 -40.64 9.88 -3.81
CA ILE B 201 -40.00 11.20 -3.73
C ILE B 201 -40.29 12.06 -4.99
N LYS B 202 -40.12 11.49 -6.18
CA LYS B 202 -40.35 12.23 -7.42
C LYS B 202 -41.80 12.71 -7.52
N ASN B 203 -42.73 11.90 -7.00
CA ASN B 203 -44.15 12.22 -6.96
C ASN B 203 -44.57 13.04 -5.73
N LYS B 204 -43.59 13.49 -4.95
CA LYS B 204 -43.78 14.35 -3.76
C LYS B 204 -44.58 13.69 -2.61
N HIS B 205 -44.36 12.40 -2.39
CA HIS B 205 -44.97 11.75 -1.24
C HIS B 205 -43.96 11.65 -0.10
N MET B 206 -42.69 11.89 -0.41
CA MET B 206 -41.63 11.96 0.59
C MET B 206 -40.58 12.98 0.19
N ASN B 207 -39.89 13.57 1.17
CA ASN B 207 -38.77 14.45 0.88
C ASN B 207 -37.48 13.67 1.05
N ALA B 208 -36.56 13.81 0.10
CA ALA B 208 -35.27 13.10 0.17
C ALA B 208 -34.42 13.58 1.33
N ASP B 209 -34.73 14.76 1.85
CA ASP B 209 -33.94 15.33 2.95
C ASP B 209 -34.37 14.87 4.35
N THR B 210 -35.41 14.07 4.43
CA THR B 210 -35.91 13.64 5.75
C THR B 210 -34.83 12.85 6.52
N ASP B 211 -34.55 13.33 7.73
CA ASP B 211 -33.58 12.71 8.63
C ASP B 211 -34.32 12.21 9.86
N TYR B 212 -33.59 11.86 10.92
CA TYR B 212 -34.21 11.31 12.11
C TYR B 212 -35.17 12.30 12.78
N SER B 213 -34.75 13.55 12.83
CA SER B 213 -35.43 14.58 13.61
C SER B 213 -36.67 15.12 12.92
N ILE B 214 -36.65 15.21 11.60
CA ILE B 214 -37.80 15.70 10.88
C ILE B 214 -38.91 14.64 10.99
N ALA B 215 -38.53 13.38 10.78
CA ALA B 215 -39.50 12.30 10.88
C ALA B 215 -40.09 12.19 12.30
N GLU B 216 -39.24 12.14 13.32
CA GLU B 216 -39.76 12.09 14.67
C GLU B 216 -40.69 13.24 15.04
N ALA B 217 -40.31 14.47 14.67
CA ALA B 217 -41.14 15.64 14.97
C ALA B 217 -42.49 15.61 14.25
N ALA B 218 -42.46 15.32 12.96
CA ALA B 218 -43.67 15.26 12.14
C ALA B 218 -44.67 14.23 12.68
N PHE B 219 -44.18 13.08 13.16
CA PHE B 219 -45.07 12.10 13.77
C PHE B 219 -45.69 12.63 15.07
N ASN B 220 -44.89 13.22 15.95
CA ASN B 220 -45.38 13.84 17.19
C ASN B 220 -46.34 15.01 17.05
N LYS B 221 -46.15 15.81 16.01
CA LYS B 221 -47.02 16.95 15.83
C LYS B 221 -48.30 16.57 15.09
N GLY B 222 -48.48 15.27 14.82
CA GLY B 222 -49.66 14.78 14.11
C GLY B 222 -49.72 15.16 12.64
N GLU B 223 -48.56 15.39 12.02
CA GLU B 223 -48.52 15.83 10.61
C GLU B 223 -48.39 14.67 9.62
N THR B 224 -47.86 13.54 10.09
CA THR B 224 -47.70 12.34 9.24
C THR B 224 -48.35 11.12 9.90
N ALA B 225 -48.99 10.29 9.09
CA ALA B 225 -49.77 9.15 9.61
C ALA B 225 -48.91 7.98 10.03
N MET B 226 -47.68 7.92 9.50
CA MET B 226 -46.81 6.74 9.68
C MET B 226 -45.32 7.10 9.76
N THR B 227 -44.57 6.24 10.44
CA THR B 227 -43.11 6.31 10.45
C THR B 227 -42.57 4.88 10.56
N ILE B 228 -41.26 4.73 10.34
CA ILE B 228 -40.59 3.45 10.47
C ILE B 228 -39.52 3.62 11.53
N ASN B 229 -39.59 2.80 12.58
CA ASN B 229 -38.57 2.88 13.63
C ASN B 229 -38.59 1.65 14.52
N GLY B 230 -37.65 1.61 15.46
CA GLY B 230 -37.46 0.47 16.34
C GLY B 230 -38.16 0.79 17.63
N PRO B 231 -38.17 -0.19 18.55
CA PRO B 231 -38.81 -0.07 19.86
C PRO B 231 -38.26 1.05 20.73
N TRP B 232 -36.97 1.35 20.61
CA TRP B 232 -36.39 2.46 21.38
C TRP B 232 -37.13 3.79 21.17
N ALA B 233 -37.71 3.97 19.99
CA ALA B 233 -38.42 5.21 19.66
C ALA B 233 -39.84 5.29 20.23
N TRP B 234 -40.37 4.19 20.74
CA TRP B 234 -41.74 4.21 21.27
C TRP B 234 -41.94 5.22 22.37
N SER B 235 -40.93 5.40 23.20
CA SER B 235 -41.06 6.31 24.35
C SER B 235 -40.92 7.79 23.97
N ASN B 236 -40.30 8.10 22.84
CA ASN B 236 -40.23 9.48 22.30
C ASN B 236 -41.54 10.02 21.71
N ILE B 237 -42.54 9.15 21.53
CA ILE B 237 -43.85 9.56 21.01
C ILE B 237 -44.64 10.35 22.05
N ASP B 238 -45.16 11.51 21.64
CA ASP B 238 -45.97 12.36 22.51
C ASP B 238 -47.37 11.78 22.67
N THR B 239 -47.51 10.92 23.66
CA THR B 239 -48.76 10.20 23.89
C THR B 239 -49.85 11.07 24.53
N SER B 240 -49.49 12.27 24.97
CA SER B 240 -50.48 13.21 25.47
C SER B 240 -51.32 13.76 24.31
N LYS B 241 -50.85 13.56 23.08
CA LYS B 241 -51.49 14.11 21.89
C LYS B 241 -51.73 13.10 20.76
N VAL B 242 -50.92 12.05 20.71
CA VAL B 242 -50.95 11.08 19.60
C VAL B 242 -51.35 9.69 20.10
N ASN B 243 -52.37 9.11 19.45
CA ASN B 243 -52.77 7.72 19.68
C ASN B 243 -52.11 6.84 18.61
N TYR B 244 -51.09 6.07 18.99
CA TYR B 244 -50.29 5.29 18.03
C TYR B 244 -50.42 3.78 18.19
N GLY B 245 -50.18 3.08 17.09
CA GLY B 245 -50.06 1.64 17.08
C GLY B 245 -48.78 1.22 16.38
N VAL B 246 -48.46 -0.06 16.51
CA VAL B 246 -47.26 -0.64 15.90
C VAL B 246 -47.71 -1.88 15.15
N THR B 247 -47.27 -2.00 13.90
CA THR B 247 -47.66 -3.15 13.09
C THR B 247 -46.49 -3.58 12.22
N VAL B 248 -46.69 -4.68 11.51
CA VAL B 248 -45.69 -5.17 10.58
C VAL B 248 -45.47 -4.16 9.43
N LEU B 249 -44.25 -4.10 8.91
CA LEU B 249 -43.98 -3.34 7.69
C LEU B 249 -44.81 -3.86 6.51
N PRO B 250 -45.15 -2.98 5.55
CA PRO B 250 -46.01 -3.51 4.50
C PRO B 250 -45.25 -4.40 3.52
N THR B 251 -46.01 -5.12 2.71
CA THR B 251 -45.44 -5.96 1.66
C THR B 251 -45.07 -5.11 0.44
N PHE B 252 -44.17 -5.65 -0.37
CA PHE B 252 -43.83 -5.03 -1.64
C PHE B 252 -43.81 -6.11 -2.70
N LYS B 253 -44.59 -5.87 -3.77
CA LYS B 253 -44.87 -6.86 -4.81
C LYS B 253 -45.26 -8.20 -4.18
N GLY B 254 -46.14 -8.14 -3.18
CA GLY B 254 -46.67 -9.32 -2.50
C GLY B 254 -45.70 -9.97 -1.52
N GLN B 255 -44.51 -9.40 -1.37
CA GLN B 255 -43.46 -10.01 -0.55
C GLN B 255 -43.30 -9.22 0.75
N PRO B 256 -43.19 -9.91 1.90
CA PRO B 256 -43.00 -9.17 3.15
C PRO B 256 -41.72 -8.32 3.13
N SER B 257 -41.75 -7.12 3.71
CA SER B 257 -40.51 -6.35 3.93
C SER B 257 -39.60 -7.25 4.78
N LYS B 258 -38.30 -7.08 4.61
CA LYS B 258 -37.34 -7.94 5.25
C LYS B 258 -36.31 -7.09 5.97
N PRO B 259 -36.68 -6.54 7.13
CA PRO B 259 -35.70 -5.73 7.85
C PRO B 259 -34.51 -6.56 8.33
N PHE B 260 -33.31 -5.96 8.27
CA PHE B 260 -32.14 -6.55 8.90
C PHE B 260 -32.29 -6.40 10.42
N VAL B 261 -32.27 -7.53 11.13
CA VAL B 261 -32.45 -7.58 12.57
C VAL B 261 -31.10 -7.53 13.34
N GLY B 262 -31.02 -6.64 14.32
CA GLY B 262 -29.81 -6.51 15.13
C GLY B 262 -29.97 -7.09 16.53
N VAL B 263 -28.85 -7.55 17.07
CA VAL B 263 -28.85 -7.93 18.47
C VAL B 263 -27.96 -6.88 19.11
N LEU B 264 -28.59 -5.99 19.88
CA LEU B 264 -27.84 -5.05 20.70
C LEU B 264 -26.94 -5.87 21.62
N SER B 265 -25.64 -5.58 21.58
CA SER B 265 -24.66 -6.38 22.28
C SER B 265 -23.66 -5.54 23.02
N ALA B 266 -23.05 -6.12 24.05
CA ALA B 266 -22.13 -5.35 24.87
C ALA B 266 -20.77 -6.00 24.79
N GLY B 267 -19.78 -5.32 24.20
CA GLY B 267 -18.43 -5.86 24.12
C GLY B 267 -17.51 -5.27 25.16
N ILE B 268 -16.48 -6.02 25.52
CA ILE B 268 -15.48 -5.56 26.49
C ILE B 268 -14.20 -5.19 25.72
N ASN B 269 -13.76 -3.95 25.91
CA ASN B 269 -12.55 -3.44 25.25
C ASN B 269 -11.35 -4.32 25.60
N ALA B 270 -10.66 -4.87 24.59
CA ALA B 270 -9.47 -5.71 24.85
C ALA B 270 -8.41 -4.95 25.65
N ALA B 271 -8.42 -3.63 25.55
CA ALA B 271 -7.42 -2.81 26.24
C ALA B 271 -7.79 -2.49 27.68
N SER B 272 -9.00 -2.85 28.10
CA SER B 272 -9.47 -2.48 29.45
C SER B 272 -8.78 -3.26 30.56
N PRO B 273 -8.32 -2.56 31.61
CA PRO B 273 -7.79 -3.21 32.82
C PRO B 273 -8.93 -3.58 33.79
N ASN B 274 -10.17 -3.44 33.33
CA ASN B 274 -11.33 -3.66 34.18
C ASN B 274 -12.23 -4.79 33.66
N LYS B 275 -11.64 -5.79 33.02
CA LYS B 275 -12.43 -6.86 32.38
C LYS B 275 -13.27 -7.67 33.38
N GLU B 276 -12.77 -7.87 34.60
CA GLU B 276 -13.52 -8.64 35.60
C GLU B 276 -14.71 -7.81 36.14
N LEU B 277 -14.49 -6.52 36.30
CA LEU B 277 -15.55 -5.59 36.68
C LEU B 277 -16.66 -5.50 35.63
N ALA B 278 -16.24 -5.40 34.37
CA ALA B 278 -17.15 -5.36 33.22
C ALA B 278 -17.96 -6.63 33.14
N LYS B 279 -17.32 -7.78 33.34
CA LYS B 279 -18.03 -9.05 33.28
C LYS B 279 -19.04 -9.14 34.41
N GLU B 280 -18.63 -8.74 35.61
CA GLU B 280 -19.57 -8.74 36.73
C GLU B 280 -20.76 -7.80 36.48
N PHE B 281 -20.50 -6.60 35.96
CA PHE B 281 -21.56 -5.64 35.74
C PHE B 281 -22.59 -6.20 34.74
N LEU B 282 -22.12 -6.69 33.61
CA LEU B 282 -22.98 -7.26 32.55
C LEU B 282 -23.76 -8.53 32.92
N GLU B 283 -23.11 -9.48 33.59
CA GLU B 283 -23.75 -10.74 33.98
C GLU B 283 -24.70 -10.67 35.17
N ASN B 284 -24.26 -10.00 36.23
CA ASN B 284 -24.94 -10.01 37.51
C ASN B 284 -25.75 -8.76 37.82
N TYR B 285 -25.56 -7.70 37.04
CA TYR B 285 -26.34 -6.46 37.22
C TYR B 285 -27.25 -6.15 36.00
N LEU B 286 -26.66 -5.96 34.83
CA LEU B 286 -27.49 -5.66 33.64
C LEU B 286 -28.35 -6.82 33.19
N LEU B 287 -27.78 -8.01 33.02
CA LEU B 287 -28.54 -9.16 32.47
C LEU B 287 -29.33 -9.91 33.52
N THR B 288 -30.21 -9.17 34.17
CA THR B 288 -31.18 -9.66 35.15
C THR B 288 -32.50 -9.01 34.81
N ASP B 289 -33.59 -9.58 35.36
CA ASP B 289 -34.92 -9.03 35.14
C ASP B 289 -34.98 -7.57 35.57
N GLU B 290 -34.42 -7.28 36.74
CA GLU B 290 -34.41 -5.93 37.30
C GLU B 290 -33.55 -4.94 36.49
N GLY B 291 -32.40 -5.42 36.01
CA GLY B 291 -31.50 -4.61 35.20
C GLY B 291 -32.08 -4.25 33.84
N LEU B 292 -32.61 -5.24 33.15
CA LEU B 292 -33.21 -4.97 31.84
C LEU B 292 -34.48 -4.13 31.96
N GLU B 293 -35.28 -4.39 33.00
CA GLU B 293 -36.44 -3.54 33.32
C GLU B 293 -36.07 -2.05 33.51
N ALA B 294 -34.98 -1.77 34.22
CA ALA B 294 -34.45 -0.41 34.36
C ALA B 294 -34.21 0.28 33.01
N VAL B 295 -33.57 -0.44 32.08
CA VAL B 295 -33.27 0.10 30.75
C VAL B 295 -34.57 0.27 29.96
N ASN B 296 -35.40 -0.78 30.00
CA ASN B 296 -36.64 -0.84 29.24
C ASN B 296 -37.61 0.28 29.63
N LYS B 297 -37.61 0.64 30.91
CA LYS B 297 -38.41 1.73 31.46
C LYS B 297 -37.99 3.09 30.87
N ASP B 298 -36.73 3.19 30.48
CA ASP B 298 -36.20 4.43 29.92
C ASP B 298 -36.58 4.47 28.43
N LYS B 299 -36.05 3.53 27.67
CA LYS B 299 -36.47 3.37 26.28
C LYS B 299 -36.62 1.89 26.00
N PRO B 300 -37.75 1.50 25.40
CA PRO B 300 -38.05 0.09 25.19
C PRO B 300 -37.00 -0.66 24.40
N LEU B 301 -36.72 -1.86 24.89
CA LEU B 301 -35.78 -2.76 24.27
C LEU B 301 -36.49 -3.59 23.20
N GLY B 302 -37.78 -3.80 23.36
CA GLY B 302 -38.60 -4.62 22.43
C GLY B 302 -38.60 -6.12 22.73
N ALA B 303 -37.51 -6.79 22.39
CA ALA B 303 -37.35 -8.19 22.72
C ALA B 303 -35.95 -8.28 23.28
N VAL B 304 -35.73 -9.25 24.17
CA VAL B 304 -34.45 -9.35 24.84
C VAL B 304 -33.91 -10.78 24.78
N ALA B 305 -32.60 -10.89 24.95
CA ALA B 305 -31.90 -12.16 24.89
C ALA B 305 -32.13 -13.01 26.14
N LEU B 306 -32.34 -12.33 27.29
CA LEU B 306 -32.53 -13.01 28.57
C LEU B 306 -33.92 -13.66 28.64
N LYS B 307 -33.95 -15.00 28.74
CA LYS B 307 -35.21 -15.77 28.67
C LYS B 307 -36.22 -15.30 29.70
N SER B 308 -35.76 -15.10 30.94
CA SER B 308 -36.69 -14.80 32.04
C SER B 308 -37.40 -13.44 31.83
N TYR B 309 -36.68 -12.44 31.34
CA TYR B 309 -37.31 -11.14 31.11
C TYR B 309 -38.09 -11.09 29.79
N GLU B 310 -37.63 -11.83 28.77
CA GLU B 310 -38.39 -11.91 27.52
C GLU B 310 -39.76 -12.57 27.73
N GLU B 311 -39.86 -13.49 28.69
CA GLU B 311 -41.15 -14.11 28.98
C GLU B 311 -42.14 -13.07 29.50
N GLU B 312 -41.64 -12.08 30.24
CA GLU B 312 -42.46 -10.95 30.69
C GLU B 312 -42.81 -10.02 29.53
N LEU B 313 -41.85 -9.77 28.64
CA LEU B 313 -42.08 -8.92 27.48
C LEU B 313 -43.01 -9.53 26.41
N ALA B 314 -43.03 -10.86 26.31
CA ALA B 314 -43.81 -11.57 25.29
C ALA B 314 -45.35 -11.45 25.46
N LYS B 315 -45.77 -10.45 26.24
CA LYS B 315 -47.19 -10.17 26.47
C LYS B 315 -47.55 -8.83 25.84
N ASP B 316 -46.55 -7.94 25.79
CA ASP B 316 -46.60 -6.68 25.05
C ASP B 316 -46.68 -6.99 23.55
N PRO B 317 -47.85 -6.75 22.93
CA PRO B 317 -48.07 -7.23 21.56
C PRO B 317 -47.37 -6.37 20.50
N ARG B 318 -46.98 -5.15 20.86
CA ARG B 318 -46.11 -4.33 20.00
C ARG B 318 -44.80 -5.08 19.72
N ILE B 319 -44.38 -5.87 20.70
CA ILE B 319 -43.30 -6.83 20.56
C ILE B 319 -43.83 -8.09 19.91
N GLY B 329 -37.55 -10.93 7.37
CA GLY B 329 -36.65 -10.30 8.37
C GLY B 329 -35.52 -11.23 8.80
N GLU B 330 -34.27 -10.77 8.74
CA GLU B 330 -33.13 -11.63 8.99
C GLU B 330 -32.13 -11.04 9.98
N ILE B 331 -31.57 -11.88 10.85
CA ILE B 331 -30.42 -11.45 11.68
C ILE B 331 -29.25 -11.07 10.77
N MET B 332 -28.65 -9.90 10.98
CA MET B 332 -27.50 -9.44 10.19
C MET B 332 -26.30 -10.35 10.38
N PRO B 333 -25.45 -10.53 9.33
CA PRO B 333 -24.17 -11.17 9.57
C PRO B 333 -23.35 -10.27 10.50
N ASN B 334 -22.36 -10.83 11.16
CA ASN B 334 -21.43 -10.03 11.96
C ASN B 334 -20.04 -9.86 11.31
N ILE B 335 -19.93 -10.29 10.06
CA ILE B 335 -18.64 -10.28 9.33
C ILE B 335 -18.08 -8.86 9.14
N PRO B 336 -16.75 -8.73 9.08
CA PRO B 336 -16.06 -7.42 8.97
C PRO B 336 -16.46 -6.61 7.73
N GLN B 337 -16.98 -7.28 6.71
CA GLN B 337 -17.39 -6.64 5.48
C GLN B 337 -18.72 -5.92 5.62
N MET B 338 -19.37 -6.04 6.77
CA MET B 338 -20.65 -5.37 6.99
C MET B 338 -20.57 -3.85 6.93
N SER B 339 -19.48 -3.28 7.45
CA SER B 339 -19.28 -1.81 7.34
C SER B 339 -19.20 -1.32 5.88
N ALA B 340 -18.39 -1.99 5.04
CA ALA B 340 -18.37 -1.70 3.60
C ALA B 340 -19.77 -1.76 2.99
N PHE B 341 -20.51 -2.80 3.35
CA PHE B 341 -21.89 -2.99 2.86
C PHE B 341 -22.74 -1.78 3.22
N TRP B 342 -22.77 -1.42 4.51
CA TRP B 342 -23.64 -0.34 4.94
C TRP B 342 -23.27 1.02 4.32
N TYR B 343 -21.98 1.26 4.16
CA TYR B 343 -21.46 2.49 3.59
C TYR B 343 -21.83 2.59 2.11
N ALA B 344 -21.71 1.47 1.41
CA ALA B 344 -22.15 1.35 0.02
C ALA B 344 -23.64 1.65 -0.15
N VAL B 345 -24.51 1.06 0.68
CA VAL B 345 -25.95 1.26 0.57
C VAL B 345 -26.39 2.67 1.01
N ARG B 346 -25.74 3.19 2.05
CA ARG B 346 -25.94 4.55 2.50
C ARG B 346 -25.71 5.54 1.36
N THR B 347 -24.58 5.37 0.67
CA THR B 347 -24.24 6.21 -0.47
C THR B 347 -25.28 6.09 -1.60
N ALA B 348 -25.66 4.85 -1.91
CA ALA B 348 -26.63 4.59 -2.99
C ALA B 348 -28.03 5.21 -2.71
N VAL B 349 -28.55 4.98 -1.51
CA VAL B 349 -29.84 5.51 -1.13
C VAL B 349 -29.86 7.05 -1.19
N ILE B 350 -28.87 7.71 -0.57
CA ILE B 350 -28.78 9.17 -0.60
C ILE B 350 -28.65 9.76 -2.02
N ASN B 351 -27.74 9.21 -2.82
CA ASN B 351 -27.53 9.65 -4.19
C ASN B 351 -28.74 9.43 -5.11
N ALA B 352 -29.41 8.28 -4.94
CA ALA B 352 -30.61 7.98 -5.73
C ALA B 352 -31.82 8.84 -5.32
N ALA B 353 -32.00 8.99 -4.01
CA ALA B 353 -33.08 9.81 -3.45
C ALA B 353 -32.91 11.30 -3.79
N SER B 354 -31.67 11.79 -3.79
CA SER B 354 -31.41 13.19 -4.14
C SER B 354 -31.50 13.44 -5.65
N GLY B 355 -31.33 12.40 -6.45
CA GLY B 355 -31.33 12.54 -7.90
C GLY B 355 -29.94 12.73 -8.45
N ARG B 356 -28.95 12.80 -7.56
CA ARG B 356 -27.55 12.88 -7.96
C ARG B 356 -27.14 11.71 -8.87
N GLN B 357 -27.79 10.56 -8.68
CA GLN B 357 -27.57 9.38 -9.50
C GLN B 357 -28.91 8.69 -9.76
N THR B 358 -29.00 8.00 -10.89
CA THR B 358 -30.14 7.11 -11.11
C THR B 358 -30.03 5.89 -10.18
N VAL B 359 -31.15 5.19 -9.99
CA VAL B 359 -31.16 3.96 -9.23
C VAL B 359 -30.15 2.94 -9.75
N ASP B 360 -30.14 2.71 -11.05
CA ASP B 360 -29.15 1.82 -11.66
C ASP B 360 -27.68 2.16 -11.35
N GLU B 361 -27.27 3.40 -11.62
CA GLU B 361 -25.94 3.93 -11.29
C GLU B 361 -25.58 3.74 -9.81
N ALA B 362 -26.51 4.10 -8.93
CA ALA B 362 -26.24 4.10 -7.50
C ALA B 362 -26.01 2.68 -7.00
N LEU B 363 -26.83 1.75 -7.46
CA LEU B 363 -26.69 0.35 -7.04
C LEU B 363 -25.56 -0.40 -7.73
N LYS B 364 -25.21 0.04 -8.95
CA LYS B 364 -23.99 -0.45 -9.60
C LYS B 364 -22.74 -0.07 -8.77
N ASP B 365 -22.66 1.20 -8.37
CA ASP B 365 -21.57 1.64 -7.49
C ASP B 365 -21.58 0.91 -6.15
N ALA B 366 -22.78 0.67 -5.61
CA ALA B 366 -22.95 0.01 -4.31
C ALA B 366 -22.41 -1.41 -4.34
N GLN B 367 -22.66 -2.12 -5.43
CA GLN B 367 -22.10 -3.46 -5.65
C GLN B 367 -20.57 -3.40 -5.59
N THR B 368 -19.99 -2.43 -6.30
CA THR B 368 -18.56 -2.20 -6.28
C THR B 368 -18.04 -1.90 -4.87
N ASN B 369 -18.71 -0.98 -4.17
CA ASN B 369 -18.26 -0.57 -2.84
C ASN B 369 -18.42 -1.65 -1.76
N ALA B 370 -19.47 -2.45 -1.86
CA ALA B 370 -19.71 -3.51 -0.88
C ALA B 370 -18.71 -4.65 -0.99
N ALA B 371 -18.15 -4.84 -2.18
CA ALA B 371 -17.12 -5.84 -2.43
C ALA B 371 -15.73 -5.19 -2.64
N ALA B 372 -15.52 -4.04 -2.00
CA ALA B 372 -14.32 -3.22 -2.21
C ALA B 372 -13.00 -3.91 -1.87
N GLU B 373 -13.05 -4.84 -0.91
CA GLU B 373 -11.87 -5.61 -0.49
C GLU B 373 -11.23 -6.38 -1.65
N PHE B 374 -12.01 -6.56 -2.71
CA PHE B 374 -11.51 -7.15 -3.94
C PHE B 374 -11.46 -6.11 -5.06
N ASP B 378 -6.28 -4.19 -11.13
CA ASP B 378 -6.92 -5.11 -10.19
C ASP B 378 -6.41 -6.54 -10.39
N GLN B 379 -7.13 -7.32 -11.20
CA GLN B 379 -6.73 -8.69 -11.53
C GLN B 379 -5.48 -8.70 -12.40
N HIS B 380 -5.53 -7.94 -13.49
CA HIS B 380 -4.47 -7.86 -14.51
C HIS B 380 -3.07 -7.69 -13.92
N CYS B 381 -2.95 -6.83 -12.91
CA CYS B 381 -1.65 -6.50 -12.32
C CYS B 381 -1.03 -7.65 -11.51
N GLU B 382 -1.87 -8.39 -10.79
CA GLU B 382 -1.44 -9.50 -9.91
C GLU B 382 -0.84 -10.69 -10.68
N SER B 383 -0.30 -10.44 -11.87
CA SER B 383 0.22 -11.50 -12.73
C SER B 383 1.58 -11.17 -13.34
N LEU B 384 1.89 -9.88 -13.46
CA LEU B 384 3.17 -9.44 -14.03
C LEU B 384 4.37 -9.80 -13.12
N SER B 385 4.10 -10.63 -12.11
CA SER B 385 5.13 -11.17 -11.23
C SER B 385 4.66 -12.52 -10.67
N LEU B 386 4.18 -13.39 -11.56
CA LEU B 386 3.73 -14.73 -11.18
C LEU B 386 4.90 -15.67 -10.94
N ALA B 387 5.92 -15.58 -11.77
CA ALA B 387 7.12 -16.40 -11.60
C ALA B 387 8.00 -15.89 -10.44
N SER B 388 7.53 -14.87 -9.73
CA SER B 388 8.24 -14.39 -8.55
C SER B 388 8.09 -15.39 -7.40
N ASN B 389 9.23 -15.79 -6.86
CA ASN B 389 9.32 -16.73 -5.77
C ASN B 389 9.99 -16.05 -4.58
N ILE B 390 9.19 -15.36 -3.78
CA ILE B 390 9.71 -14.51 -2.70
C ILE B 390 9.46 -15.09 -1.32
N SER B 391 10.50 -15.14 -0.50
CA SER B 391 10.41 -15.49 0.92
C SER B 391 10.43 -14.22 1.76
N GLY B 392 9.62 -14.18 2.81
CA GLY B 392 9.57 -13.02 3.68
C GLY B 392 8.54 -12.02 3.21
N LEU B 393 8.62 -10.81 3.76
CA LEU B 393 7.60 -9.78 3.53
C LEU B 393 7.62 -9.26 2.10
N GLN B 394 6.47 -8.83 1.62
CA GLN B 394 6.31 -8.44 0.22
C GLN B 394 5.27 -7.37 0.13
N CYS B 395 5.37 -6.53 -0.89
CA CYS B 395 4.25 -5.71 -1.31
C CYS B 395 3.51 -6.50 -2.40
N ASN B 396 2.18 -6.54 -2.32
CA ASN B 396 1.35 -7.17 -3.34
C ASN B 396 1.29 -6.32 -4.59
N ALA B 397 0.88 -6.92 -5.71
CA ALA B 397 0.72 -6.15 -6.93
C ALA B 397 -0.34 -5.09 -6.72
N SER B 398 -0.04 -3.86 -7.15
CA SER B 398 -1.00 -2.77 -7.01
C SER B 398 -0.91 -1.80 -8.17
N VAL B 399 -2.07 -1.31 -8.58
CA VAL B 399 -2.16 -0.25 -9.57
C VAL B 399 -2.14 1.08 -8.83
N ASP B 400 -1.23 1.97 -9.20
CA ASP B 400 -1.18 3.29 -8.57
C ASP B 400 -2.24 4.20 -9.20
N LEU B 401 -2.32 5.44 -8.71
CA LEU B 401 -3.37 6.38 -9.14
C LEU B 401 -3.20 6.86 -10.58
N ILE B 402 -1.98 6.75 -11.10
CA ILE B 402 -1.67 7.11 -12.47
C ILE B 402 -1.97 5.95 -13.42
N GLY B 403 -2.19 4.76 -12.85
CA GLY B 403 -2.53 3.57 -13.63
C GLY B 403 -1.38 2.59 -13.82
N THR B 404 -0.21 2.93 -13.28
CA THR B 404 0.95 2.06 -13.37
C THR B 404 0.79 0.83 -12.49
N CYS B 405 1.06 -0.33 -13.07
CA CYS B 405 1.01 -1.59 -12.35
C CYS B 405 2.34 -1.86 -11.67
N TRP B 406 2.30 -1.95 -10.35
CA TRP B 406 3.48 -2.28 -9.54
C TRP B 406 3.41 -3.75 -9.18
N PRO B 407 4.41 -4.53 -9.64
CA PRO B 407 4.34 -5.97 -9.45
C PRO B 407 4.63 -6.38 -8.01
N ARG B 408 4.16 -7.57 -7.63
CA ARG B 408 4.52 -8.20 -6.37
C ARG B 408 6.04 -8.16 -6.15
N SER B 409 6.48 -7.45 -5.11
CA SER B 409 7.91 -7.20 -4.87
C SER B 409 8.35 -7.57 -3.46
N PRO B 410 9.64 -7.94 -3.28
CA PRO B 410 10.18 -8.11 -1.93
C PRO B 410 10.20 -6.80 -1.15
N ALA B 411 9.98 -6.90 0.17
CA ALA B 411 10.10 -5.75 1.06
C ALA B 411 11.55 -5.26 1.07
N GLY B 412 11.74 -3.94 1.02
CA GLY B 412 13.06 -3.32 1.10
C GLY B 412 13.81 -3.11 -0.20
N GLN B 413 13.09 -3.16 -1.32
CA GLN B 413 13.67 -2.99 -2.65
C GLN B 413 13.04 -1.83 -3.41
N LEU B 414 13.88 -1.10 -4.13
CA LEU B 414 13.39 -0.13 -5.09
C LEU B 414 12.81 -0.89 -6.29
N VAL B 415 11.65 -0.46 -6.76
CA VAL B 415 11.03 -1.11 -7.92
C VAL B 415 10.95 -0.12 -9.06
N VAL B 416 11.22 -0.60 -10.27
CA VAL B 416 11.31 0.21 -11.47
C VAL B 416 10.31 -0.27 -12.53
N ARG B 417 9.46 0.63 -13.00
CA ARG B 417 8.49 0.31 -14.04
C ARG B 417 8.49 1.37 -15.13
N PRO B 418 8.29 0.98 -16.40
CA PRO B 418 8.31 1.99 -17.47
C PRO B 418 7.19 3.01 -17.29
N CYS B 419 7.47 4.25 -17.70
CA CYS B 419 6.50 5.33 -17.71
C CYS B 419 5.27 4.99 -18.55
N PRO B 420 4.08 5.46 -18.12
CA PRO B 420 2.84 5.27 -18.89
C PRO B 420 2.95 5.81 -20.31
N ALA B 421 2.61 4.97 -21.28
CA ALA B 421 2.59 5.37 -22.70
C ALA B 421 1.62 6.52 -22.92
N PHE B 422 0.46 6.43 -22.28
CA PHE B 422 -0.56 7.46 -22.38
C PHE B 422 -1.11 7.78 -20.99
N PHE B 423 -1.03 9.05 -20.60
CA PHE B 423 -1.66 9.51 -19.36
C PHE B 423 -2.59 10.66 -19.64
N TYR B 424 -3.89 10.40 -19.47
CA TYR B 424 -4.98 11.31 -19.81
C TYR B 424 -4.94 11.75 -21.29
N GLY B 425 -4.69 10.77 -22.17
CA GLY B 425 -4.59 11.01 -23.61
C GLY B 425 -3.37 11.82 -24.01
N VAL B 426 -2.22 11.52 -23.38
CA VAL B 426 -0.97 12.25 -23.61
C VAL B 426 0.21 11.29 -23.63
N ARG B 427 1.05 11.41 -24.66
CA ARG B 427 2.22 10.56 -24.82
C ARG B 427 3.34 10.89 -23.84
N TYR B 428 3.97 9.81 -23.33
CA TYR B 428 5.22 9.93 -22.57
C TYR B 428 6.24 8.96 -23.16
N ASN B 429 7.49 9.06 -22.71
CA ASN B 429 8.55 8.16 -23.19
C ASN B 429 8.65 6.91 -22.33
N THR B 430 8.26 5.77 -22.90
CA THR B 430 8.20 4.48 -22.19
C THR B 430 9.58 3.87 -21.92
N THR B 431 10.63 4.44 -22.53
CA THR B 431 11.99 4.02 -22.24
C THR B 431 12.48 4.65 -20.93
N ASN B 432 11.77 5.69 -20.49
CA ASN B 432 11.98 6.27 -19.17
C ASN B 432 11.14 5.53 -18.12
N ASN B 433 11.58 5.58 -16.86
CA ASN B 433 10.98 4.80 -15.77
C ASN B 433 10.43 5.60 -14.60
N GLY B 434 9.42 5.02 -13.94
CA GLY B 434 8.98 5.41 -12.61
C GLY B 434 9.62 4.54 -11.53
N TYR B 435 9.70 5.08 -10.33
CA TYR B 435 10.39 4.41 -9.24
C TYR B 435 9.54 4.46 -7.99
N ARG B 436 9.36 3.32 -7.37
CA ARG B 436 8.56 3.20 -6.16
C ARG B 436 9.21 2.19 -5.22
N GLU B 437 9.29 2.54 -3.95
CA GLU B 437 9.92 1.69 -2.97
C GLU B 437 8.89 0.74 -2.34
N CYS B 438 9.23 -0.55 -2.30
CA CYS B 438 8.52 -1.50 -1.44
C CYS B 438 9.22 -1.40 -0.09
N LEU B 439 8.50 -0.85 0.89
CA LEU B 439 9.05 -0.57 2.21
C LEU B 439 9.42 -1.85 2.94
N ALA B 440 10.28 -1.71 3.96
CA ALA B 440 10.76 -2.83 4.75
C ALA B 440 9.65 -3.63 5.46
N ASN B 441 8.52 -2.97 5.73
CA ASN B 441 7.36 -3.62 6.38
C ASN B 441 6.39 -4.27 5.39
N GLY B 442 6.74 -4.22 4.10
CA GLY B 442 5.93 -4.86 3.06
C GLY B 442 4.77 -4.01 2.55
N SER B 443 4.77 -2.71 2.89
CA SER B 443 3.82 -1.76 2.34
C SER B 443 4.51 -0.96 1.24
N TRP B 444 3.79 -0.62 0.18
CA TRP B 444 4.27 0.32 -0.85
C TRP B 444 4.45 1.72 -0.27
N ALA B 445 5.54 2.38 -0.69
CA ALA B 445 5.71 3.81 -0.43
C ALA B 445 4.49 4.52 -1.00
N ALA B 446 3.96 5.50 -0.28
CA ALA B 446 2.76 6.22 -0.74
C ALA B 446 2.99 6.99 -2.04
N ARG B 447 4.24 7.41 -2.29
CA ARG B 447 4.57 8.25 -3.46
C ARG B 447 5.46 7.55 -4.48
N VAL B 448 5.21 7.82 -5.77
CA VAL B 448 6.05 7.33 -6.87
C VAL B 448 6.84 8.50 -7.46
N ASN B 449 8.12 8.25 -7.75
CA ASN B 449 8.91 9.24 -8.47
C ASN B 449 8.64 9.13 -9.97
N TYR B 450 7.91 10.11 -10.50
CA TYR B 450 7.62 10.17 -11.93
C TYR B 450 8.39 11.30 -12.62
N SER B 451 9.34 11.89 -11.92
CA SER B 451 10.04 13.05 -12.42
C SER B 451 10.70 12.78 -13.78
N GLU B 452 11.20 11.56 -13.97
CA GLU B 452 11.96 11.19 -15.17
C GLU B 452 11.08 10.98 -16.41
N CYS B 453 9.81 10.70 -16.21
CA CYS B 453 8.85 10.53 -17.30
C CYS B 453 8.65 11.83 -18.08
N GLN B 454 9.64 12.14 -18.94
CA GLN B 454 9.57 13.37 -19.73
C GLN B 454 8.35 13.34 -20.70
N GLU B 455 7.74 14.56 -20.78
CA GLU B 455 6.68 14.82 -21.75
C GLU B 455 7.22 14.82 -23.23
N GLN C 5 -9.94 33.44 -4.84
CA GLN C 5 -8.60 32.83 -4.63
C GLN C 5 -8.64 31.70 -3.61
N LEU C 6 -9.37 31.90 -2.52
CA LEU C 6 -9.61 30.85 -1.52
C LEU C 6 -10.68 29.87 -1.99
N ALA C 7 -11.73 30.39 -2.62
CA ALA C 7 -12.80 29.59 -3.24
C ALA C 7 -12.28 28.85 -4.47
N GLN C 8 -11.29 29.45 -5.13
CA GLN C 8 -10.53 28.79 -6.19
C GLN C 8 -9.54 27.77 -5.59
N GLN C 9 -8.96 28.09 -4.44
CA GLN C 9 -8.09 27.17 -3.70
C GLN C 9 -8.87 25.96 -3.21
N ALA C 10 -10.17 26.16 -2.99
CA ALA C 10 -11.10 25.11 -2.59
C ALA C 10 -11.47 24.23 -3.77
N HIS C 11 -11.86 24.86 -4.87
CA HIS C 11 -12.18 24.15 -6.11
C HIS C 11 -10.98 23.33 -6.60
N SER C 12 -9.77 23.86 -6.36
CA SER C 12 -8.53 23.17 -6.73
C SER C 12 -8.21 22.03 -5.78
N ASN C 13 -8.58 22.19 -4.50
CA ASN C 13 -8.49 21.10 -3.51
C ASN C 13 -9.42 19.94 -3.82
N ARG C 14 -10.64 20.25 -4.24
CA ARG C 14 -11.63 19.24 -4.60
C ARG C 14 -11.05 18.28 -5.63
N LYS C 15 -10.57 18.82 -6.76
CA LYS C 15 -9.95 18.03 -7.81
C LYS C 15 -8.83 17.11 -7.29
N LEU C 16 -8.10 17.58 -6.28
CA LEU C 16 -6.98 16.83 -5.70
C LEU C 16 -7.48 15.65 -4.86
N MET C 17 -8.33 15.95 -3.88
CA MET C 17 -8.98 14.93 -3.06
C MET C 17 -9.74 13.92 -3.90
N GLU C 18 -10.30 14.36 -5.03
CA GLU C 18 -11.05 13.48 -5.93
C GLU C 18 -10.15 12.43 -6.58
N ILE C 19 -8.92 12.83 -6.91
CA ILE C 19 -7.93 11.91 -7.46
C ILE C 19 -7.35 10.97 -6.38
N ILE C 20 -6.93 11.56 -5.26
CA ILE C 20 -6.27 10.85 -4.17
C ILE C 20 -7.24 9.95 -3.38
N GLN D 5 -4.17 23.84 -24.82
CA GLN D 5 -4.81 22.59 -24.30
C GLN D 5 -3.76 21.57 -23.86
N LEU D 6 -2.97 21.09 -24.82
CA LEU D 6 -1.94 20.08 -24.58
C LEU D 6 -0.88 20.55 -23.58
N ALA D 7 -0.25 21.68 -23.87
CA ALA D 7 0.81 22.23 -23.03
C ALA D 7 0.33 22.62 -21.64
N GLN D 8 -0.91 23.14 -21.57
CA GLN D 8 -1.57 23.44 -20.32
C GLN D 8 -1.92 22.16 -19.55
N GLN D 9 -2.30 21.12 -20.26
CA GLN D 9 -2.56 19.80 -19.66
C GLN D 9 -1.28 19.20 -19.09
N ALA D 10 -0.19 19.29 -19.86
CA ALA D 10 1.13 18.84 -19.43
C ALA D 10 1.60 19.54 -18.17
N HIS D 11 1.34 20.84 -18.07
CA HIS D 11 1.70 21.61 -16.88
C HIS D 11 0.93 21.09 -15.65
N SER D 12 -0.34 20.78 -15.84
CA SER D 12 -1.19 20.26 -14.76
C SER D 12 -0.86 18.80 -14.43
N ASN D 13 -0.48 18.03 -15.45
CA ASN D 13 0.02 16.67 -15.29
C ASN D 13 1.35 16.64 -14.55
N ARG D 14 2.15 17.70 -14.72
CA ARG D 14 3.38 17.81 -13.96
C ARG D 14 3.05 17.88 -12.47
N LYS D 15 2.12 18.77 -12.12
CA LYS D 15 1.68 18.91 -10.72
C LYS D 15 1.09 17.61 -10.18
N LEU D 16 0.44 16.84 -11.05
CA LEU D 16 -0.22 15.60 -10.67
C LEU D 16 0.81 14.52 -10.38
N MET D 17 1.66 14.26 -11.37
CA MET D 17 2.79 13.33 -11.21
C MET D 17 3.70 13.69 -10.04
N GLU D 18 3.98 14.98 -9.87
CA GLU D 18 4.78 15.48 -8.75
C GLU D 18 4.15 15.19 -7.38
N ILE D 19 2.82 15.17 -7.30
CA ILE D 19 2.14 14.77 -6.06
C ILE D 19 2.11 13.23 -5.90
N ILE D 20 1.53 12.53 -6.87
CA ILE D 20 1.44 11.06 -6.90
C ILE D 20 2.81 10.36 -6.88
#